data_5YG5
#
_entry.id   5YG5
#
_cell.length_a   98.990
_cell.length_b   98.990
_cell.length_c   257.091
_cell.angle_alpha   90.000
_cell.angle_beta   90.000
_cell.angle_gamma   120.000
#
_symmetry.space_group_name_H-M   'P 31 1 2'
#
loop_
_entity.id
_entity.type
_entity.pdbx_description
1 polymer 'Ribose 1,5-bisphosphate isomerase'
2 non-polymer RIBULOSE-1,5-DIPHOSPHATE
3 non-polymer (4S)-2-METHYL-2,4-PENTANEDIOL
4 non-polymer 'POTASSIUM ION'
5 non-polymer DI(HYDROXYETHYL)ETHER
6 non-polymer "GUANOSINE-5'-MONOPHOSPHATE"
7 water water
#
_entity_poly.entity_id   1
_entity_poly.type   'polypeptide(L)'
_entity_poly.pdbx_seq_one_letter_code
;MGAMIVKEVYETAEKIKSMEIRGAGRIARAAAQALMIQAEKSKAKEPEELWNELKVASKILYNTRPTAVSLPNALRYVMH
RVKAAYLGGADLETLRFTAINSAKEFIYNSEKAIERIGEIGAKRIEDGDIIMTHCHSKAAISVMKKAFEQGKNIKVIVTE
TRPKWQGKITAKELASYGIPVIYIVDSAARHYMKMTDKVVMGADSITANGAVINKIGTSLIALTAKEHRVWVMIAAETYK
FHPATMLGQLVEIEMRDPTEVIPEEELRTWPKNIEVWNPAFDVTPPEYIDVIITERGIIPPYAAIDILKEEFGWALKYKE
PWED
;
_entity_poly.pdbx_strand_id   A,B,C
#
loop_
_chem_comp.id
_chem_comp.type
_chem_comp.name
_chem_comp.formula
5GP non-polymer GUANOSINE-5'-MONOPHOSPHATE 'C10 H14 N5 O8 P'
K non-polymer 'POTASSIUM ION' 'K 1'
MPD non-polymer (4S)-2-METHYL-2,4-PENTANEDIOL 'C6 H14 O2'
PEG non-polymer DI(HYDROXYETHYL)ETHER 'C4 H10 O3'
RUB saccharide RIBULOSE-1,5-DIPHOSPHATE 'C5 H12 O11 P2'
#
# COMPACT_ATOMS: atom_id res chain seq x y z
N ALA A 3 2.80 29.48 36.46
CA ALA A 3 3.50 29.84 35.18
C ALA A 3 3.08 31.20 34.58
N MET A 4 4.05 31.93 34.06
CA MET A 4 3.83 33.28 33.50
C MET A 4 3.40 33.20 32.02
N ILE A 5 2.14 32.88 31.75
CA ILE A 5 1.70 32.67 30.35
C ILE A 5 1.23 33.98 29.73
N VAL A 6 1.70 34.28 28.51
CA VAL A 6 1.31 35.55 27.86
C VAL A 6 -0.12 35.58 27.32
N LYS A 7 -0.56 36.80 27.06
CA LYS A 7 -1.85 37.12 26.46
C LYS A 7 -2.10 36.30 25.19
N GLU A 8 -1.13 36.29 24.28
CA GLU A 8 -1.30 35.71 22.94
C GLU A 8 -1.48 34.19 22.98
N VAL A 9 -0.91 33.51 23.96
CA VAL A 9 -1.21 32.10 24.15
C VAL A 9 -2.71 31.89 24.41
N TYR A 10 -3.26 32.65 25.36
CA TYR A 10 -4.69 32.60 25.67
C TYR A 10 -5.57 33.09 24.50
N GLU A 11 -5.21 34.19 23.85
CA GLU A 11 -6.01 34.73 22.76
C GLU A 11 -6.11 33.80 21.58
N THR A 12 -4.98 33.16 21.27
CA THR A 12 -4.90 32.17 20.22
C THR A 12 -5.79 31.00 20.57
N ALA A 13 -5.75 30.55 21.81
CA ALA A 13 -6.49 29.35 22.18
C ALA A 13 -8.00 29.56 22.06
N GLU A 14 -8.48 30.74 22.44
CA GLU A 14 -9.89 31.10 22.31
C GLU A 14 -10.32 31.20 20.86
N LYS A 15 -9.42 31.69 20.02
CA LYS A 15 -9.71 31.87 18.61
C LYS A 15 -9.69 30.56 17.80
N ILE A 16 -8.93 29.57 18.26
CA ILE A 16 -9.00 28.21 17.72
C ILE A 16 -10.34 27.56 18.08
N LYS A 17 -10.77 27.73 19.34
CA LYS A 17 -12.05 27.18 19.89
C LYS A 17 -13.24 27.78 19.21
N SER A 18 -13.29 29.10 19.07
CA SER A 18 -14.41 29.78 18.44
C SER A 18 -14.37 29.70 16.90
N MET A 19 -13.30 29.13 16.36
CA MET A 19 -13.06 29.02 14.93
C MET A 19 -12.85 30.33 14.23
N GLU A 20 -12.58 31.42 14.95
CA GLU A 20 -12.12 32.65 14.28
C GLU A 20 -10.80 32.37 13.53
N ILE A 21 -9.97 31.47 14.10
CA ILE A 21 -8.85 30.81 13.43
C ILE A 21 -9.23 29.35 13.15
N ARG A 22 -9.15 28.98 11.88
CA ARG A 22 -9.61 27.68 11.45
C ARG A 22 -8.84 27.18 10.22
N GLY A 23 -9.12 25.93 9.85
CA GLY A 23 -8.40 25.26 8.77
C GLY A 23 -7.22 24.64 9.48
N ALA A 24 -6.96 23.36 9.24
CA ALA A 24 -5.95 22.62 10.04
C ALA A 24 -4.53 23.20 9.90
N GLY A 25 -4.17 23.66 8.70
CA GLY A 25 -2.87 24.26 8.51
C GLY A 25 -2.71 25.50 9.35
N ARG A 26 -3.69 26.38 9.25
CA ARG A 26 -3.63 27.67 9.93
C ARG A 26 -3.64 27.50 11.45
N ILE A 27 -4.50 26.62 11.94
CA ILE A 27 -4.51 26.31 13.35
C ILE A 27 -3.13 25.90 13.84
N ALA A 28 -2.44 25.12 13.04
CA ALA A 28 -1.13 24.58 13.40
C ALA A 28 -0.05 25.68 13.38
N ARG A 29 -0.07 26.53 12.39
CA ARG A 29 0.81 27.68 12.36
C ARG A 29 0.55 28.61 13.52
N ALA A 30 -0.71 28.92 13.78
CA ALA A 30 -1.10 29.79 14.89
C ALA A 30 -0.66 29.25 16.24
N ALA A 31 -0.81 27.94 16.44
CA ALA A 31 -0.31 27.28 17.64
C ALA A 31 1.21 27.46 17.82
N ALA A 32 1.95 27.29 16.72
CA ALA A 32 3.38 27.44 16.76
C ALA A 32 3.77 28.89 16.96
N GLN A 33 3.10 29.79 16.25
CA GLN A 33 3.26 31.22 16.45
C GLN A 33 3.06 31.61 17.92
N ALA A 34 2.10 31.02 18.59
CA ALA A 34 1.81 31.39 19.97
C ALA A 34 2.94 30.99 20.91
N LEU A 35 3.48 29.79 20.71
CA LEU A 35 4.64 29.33 21.49
C LEU A 35 5.88 30.20 21.16
N MET A 36 6.01 30.64 19.92
CA MET A 36 7.05 31.59 19.53
C MET A 36 6.93 32.86 20.38
N ILE A 37 5.76 33.49 20.39
CA ILE A 37 5.52 34.69 21.20
C ILE A 37 5.70 34.45 22.73
N GLN A 38 5.39 33.27 23.24
CA GLN A 38 5.69 32.95 24.62
C GLN A 38 7.19 33.11 24.88
N ALA A 39 8.01 32.49 24.04
CA ALA A 39 9.46 32.49 24.24
C ALA A 39 10.07 33.86 23.99
N GLU A 40 9.54 34.63 23.05
CA GLU A 40 9.98 36.01 22.86
C GLU A 40 9.80 36.83 24.13
N LYS A 41 8.63 36.71 24.76
CA LYS A 41 8.18 37.60 25.85
C LYS A 41 8.39 37.09 27.27
N SER A 42 8.71 35.82 27.41
CA SER A 42 8.92 35.26 28.71
C SER A 42 9.90 36.13 29.48
N LYS A 43 9.49 36.51 30.68
CA LYS A 43 10.35 37.20 31.60
C LYS A 43 11.10 36.20 32.50
N ALA A 44 11.03 34.90 32.19
CA ALA A 44 11.74 33.89 32.99
C ALA A 44 13.26 34.15 33.09
N LYS A 45 13.84 33.64 34.17
CA LYS A 45 15.27 33.75 34.48
C LYS A 45 15.99 32.43 34.26
N GLU A 46 15.41 31.34 34.72
CA GLU A 46 15.98 30.00 34.59
C GLU A 46 15.46 29.32 33.29
N PRO A 47 16.23 28.38 32.72
CA PRO A 47 15.69 27.45 31.73
C PRO A 47 14.51 26.60 32.22
N GLU A 48 14.67 25.88 33.32
CA GLU A 48 13.56 25.17 34.00
C GLU A 48 12.30 26.02 34.08
N GLU A 49 12.45 27.32 34.33
CA GLU A 49 11.30 28.22 34.39
C GLU A 49 10.65 28.35 33.01
N LEU A 50 11.46 28.59 31.98
CA LEU A 50 10.97 28.71 30.59
C LEU A 50 10.36 27.43 30.04
N TRP A 51 11.05 26.32 30.26
CA TRP A 51 10.53 24.99 29.92
C TRP A 51 9.11 24.82 30.46
N ASN A 52 8.93 25.06 31.77
CA ASN A 52 7.60 24.99 32.45
C ASN A 52 6.51 25.87 31.81
N GLU A 53 6.86 27.11 31.48
CA GLU A 53 5.99 28.01 30.72
C GLU A 53 5.55 27.34 29.37
N LEU A 54 6.54 26.87 28.60
CA LEU A 54 6.27 26.29 27.28
C LEU A 54 5.48 24.96 27.33
N LYS A 55 5.76 24.13 28.33
CA LYS A 55 4.96 22.94 28.61
C LYS A 55 3.46 23.27 28.78
N VAL A 56 3.18 24.37 29.49
CA VAL A 56 1.86 24.70 30.00
C VAL A 56 1.09 25.42 28.91
N ALA A 57 1.73 26.41 28.30
CA ALA A 57 1.27 27.05 27.04
C ALA A 57 0.92 26.06 25.91
N SER A 58 1.63 24.93 25.89
CA SER A 58 1.36 23.91 24.93
C SER A 58 0.11 23.15 25.34
N LYS A 59 0.06 22.72 26.59
CA LYS A 59 -1.15 22.10 27.13
C LYS A 59 -2.37 22.96 26.84
N ILE A 60 -2.32 24.25 27.11
CA ILE A 60 -3.44 25.14 26.80
C ILE A 60 -3.84 25.01 25.32
N LEU A 61 -2.86 25.05 24.44
CA LEU A 61 -3.10 25.02 22.99
C LEU A 61 -3.61 23.68 22.44
N TYR A 62 -3.09 22.58 22.94
CA TYR A 62 -3.58 21.25 22.60
C TYR A 62 -5.03 20.96 23.02
N ASN A 63 -5.48 21.61 24.10
CA ASN A 63 -6.81 21.40 24.66
C ASN A 63 -7.87 22.35 24.06
N THR A 64 -7.67 22.74 22.80
CA THR A 64 -8.57 23.61 22.13
C THR A 64 -9.54 22.80 21.23
N ARG A 65 -9.07 22.28 20.10
CA ARG A 65 -9.88 21.44 19.23
C ARG A 65 -9.15 20.15 18.93
N PRO A 66 -9.82 18.99 19.06
CA PRO A 66 -9.10 17.71 19.08
C PRO A 66 -8.79 17.05 17.72
N THR A 67 -9.63 17.25 16.71
CA THR A 67 -9.67 16.37 15.56
C THR A 67 -8.52 16.56 14.57
N ALA A 68 -8.18 17.81 14.22
CA ALA A 68 -7.05 18.08 13.30
C ALA A 68 -5.72 17.87 13.99
N VAL A 69 -5.05 16.76 13.70
CA VAL A 69 -3.73 16.40 14.26
C VAL A 69 -2.61 17.37 13.87
N SER A 70 -2.84 18.19 12.84
CA SER A 70 -1.94 19.27 12.50
C SER A 70 -1.53 20.09 13.75
N LEU A 71 -2.48 20.34 14.65
CA LEU A 71 -2.21 21.11 15.86
C LEU A 71 -1.15 20.43 16.76
N PRO A 72 -1.42 19.23 17.27
CA PRO A 72 -0.37 18.59 18.09
C PRO A 72 0.94 18.28 17.38
N ASN A 73 0.92 18.14 16.06
CA ASN A 73 2.15 17.92 15.28
C ASN A 73 3.03 19.17 15.25
N ALA A 74 2.39 20.33 15.32
CA ALA A 74 3.06 21.60 15.35
C ALA A 74 3.70 21.86 16.72
N LEU A 75 3.00 21.50 17.79
CA LEU A 75 3.48 21.64 19.12
C LEU A 75 4.63 20.67 19.32
N ARG A 76 4.42 19.39 18.98
CA ARG A 76 5.47 18.36 18.95
C ARG A 76 6.75 18.81 18.20
N TYR A 77 6.59 19.55 17.11
CA TYR A 77 7.72 19.96 16.29
C TYR A 77 8.57 20.95 17.05
N VAL A 78 7.90 21.96 17.60
CA VAL A 78 8.55 22.94 18.44
C VAL A 78 9.11 22.26 19.67
N MET A 79 8.32 21.48 20.40
CA MET A 79 8.71 20.97 21.72
C MET A 79 9.45 19.64 21.82
N HIS A 80 9.63 18.88 20.76
CA HIS A 80 10.60 17.75 20.77
C HIS A 80 12.01 18.34 20.87
N ARG A 81 12.17 19.42 20.12
CA ARG A 81 13.42 20.15 20.02
C ARG A 81 13.70 20.91 21.32
N VAL A 82 12.72 21.67 21.79
CA VAL A 82 12.89 22.40 23.04
C VAL A 82 13.20 21.38 24.15
N LYS A 83 12.50 20.23 24.19
CA LYS A 83 12.82 19.20 25.22
C LYS A 83 14.26 18.65 25.11
N ALA A 84 14.75 18.43 23.89
CA ALA A 84 16.10 17.93 23.69
C ALA A 84 17.14 19.00 24.10
N ALA A 85 16.90 20.26 23.74
CA ALA A 85 17.77 21.34 24.14
C ALA A 85 17.91 21.39 25.66
N TYR A 86 16.77 21.60 26.33
CA TYR A 86 16.73 21.71 27.80
C TYR A 86 17.45 20.53 28.44
N LEU A 87 17.10 19.31 28.07
CA LEU A 87 17.73 18.12 28.70
C LEU A 87 19.28 17.93 28.45
N GLY A 88 19.87 18.68 27.52
CA GLY A 88 21.34 18.77 27.41
C GLY A 88 21.74 20.15 27.97
N GLY A 89 21.32 20.38 29.21
CA GLY A 89 21.38 21.67 29.90
C GLY A 89 21.62 22.94 29.09
N ALA A 90 20.83 23.16 28.05
CA ALA A 90 20.94 24.40 27.28
C ALA A 90 20.70 25.57 28.23
N ASP A 91 21.49 26.62 28.13
CA ASP A 91 21.27 27.77 29.01
C ASP A 91 19.98 28.42 28.54
N LEU A 92 19.58 29.49 29.20
CA LEU A 92 18.35 30.21 28.89
C LEU A 92 18.21 30.62 27.44
N GLU A 93 19.16 31.41 26.92
CA GLU A 93 18.96 31.99 25.56
C GLU A 93 19.03 30.93 24.48
N THR A 94 19.73 29.84 24.77
CA THR A 94 19.78 28.68 23.89
C THR A 94 18.40 28.01 23.79
N LEU A 95 17.72 27.88 24.92
CA LEU A 95 16.34 27.36 24.95
C LEU A 95 15.38 28.34 24.28
N ARG A 96 15.45 29.61 24.63
CA ARG A 96 14.59 30.59 24.01
C ARG A 96 14.72 30.60 22.49
N PHE A 97 15.92 30.39 21.97
CA PHE A 97 16.10 30.40 20.52
C PHE A 97 15.65 29.06 19.94
N THR A 98 15.96 27.94 20.59
CA THR A 98 15.47 26.64 20.12
C THR A 98 13.97 26.76 19.79
N ALA A 99 13.16 27.17 20.78
CA ALA A 99 11.71 27.34 20.61
C ALA A 99 11.33 28.35 19.52
N ILE A 100 11.99 29.49 19.49
CA ILE A 100 11.60 30.54 18.52
C ILE A 100 11.92 30.10 17.12
N ASN A 101 13.11 29.55 16.97
CA ASN A 101 13.57 29.11 15.68
C ASN A 101 12.83 27.85 15.20
N SER A 102 12.66 26.87 16.08
CA SER A 102 11.79 25.72 15.78
C SER A 102 10.41 26.13 15.22
N ALA A 103 9.75 27.06 15.87
CA ALA A 103 8.43 27.46 15.44
C ALA A 103 8.52 28.21 14.10
N LYS A 104 9.58 28.96 13.87
CA LYS A 104 9.77 29.64 12.58
C LYS A 104 9.95 28.60 11.43
N GLU A 105 10.64 27.48 11.71
CA GLU A 105 10.85 26.39 10.73
C GLU A 105 9.48 25.80 10.35
N PHE A 106 8.73 25.33 11.36
CA PHE A 106 7.38 24.78 11.16
C PHE A 106 6.50 25.68 10.33
N ILE A 107 6.53 26.98 10.59
CA ILE A 107 5.70 27.92 9.87
C ILE A 107 6.14 28.12 8.43
N TYR A 108 7.46 28.10 8.22
CA TYR A 108 8.09 28.28 6.89
C TYR A 108 7.78 27.02 6.07
N ASN A 109 8.05 25.88 6.68
CA ASN A 109 7.74 24.58 6.09
C ASN A 109 6.27 24.33 5.77
N SER A 110 5.36 24.80 6.62
CA SER A 110 3.94 24.77 6.29
C SER A 110 3.70 25.61 5.05
N GLU A 111 4.13 26.86 5.08
CA GLU A 111 3.93 27.75 3.93
C GLU A 111 4.53 27.15 2.65
N LYS A 112 5.71 26.53 2.73
CA LYS A 112 6.39 25.96 1.56
C LYS A 112 5.65 24.73 1.08
N ALA A 113 5.31 23.83 2.01
CA ALA A 113 4.59 22.56 1.70
C ALA A 113 3.32 22.81 0.91
N ILE A 114 2.56 23.85 1.29
CA ILE A 114 1.32 24.19 0.64
C ILE A 114 1.56 24.63 -0.80
N GLU A 115 2.52 25.51 -1.04
CA GLU A 115 2.79 25.97 -2.41
C GLU A 115 3.14 24.76 -3.31
N ARG A 116 3.91 23.85 -2.71
CA ARG A 116 4.42 22.65 -3.36
C ARG A 116 3.29 21.64 -3.73
N ILE A 117 2.39 21.40 -2.79
CA ILE A 117 1.16 20.65 -3.04
C ILE A 117 0.36 21.31 -4.18
N GLY A 118 0.36 22.61 -4.25
CA GLY A 118 -0.26 23.26 -5.37
C GLY A 118 0.32 22.88 -6.71
N GLU A 119 1.63 22.76 -6.77
CA GLU A 119 2.35 22.52 -8.05
C GLU A 119 2.21 21.09 -8.49
N ILE A 120 2.23 20.18 -7.53
CA ILE A 120 2.12 18.76 -7.80
C ILE A 120 0.68 18.42 -8.24
N GLY A 121 -0.27 18.83 -7.42
CA GLY A 121 -1.65 18.59 -7.68
C GLY A 121 -2.17 19.26 -8.93
N ALA A 122 -1.57 20.36 -9.34
CA ALA A 122 -2.08 21.05 -10.54
C ALA A 122 -1.76 20.27 -11.82
N LYS A 123 -0.72 19.45 -11.79
CA LYS A 123 -0.40 18.61 -12.94
C LYS A 123 -1.47 17.52 -13.14
N ARG A 124 -2.16 17.11 -12.07
CA ARG A 124 -3.29 16.19 -12.15
C ARG A 124 -4.60 16.87 -12.61
N ILE A 125 -4.58 18.17 -12.92
CA ILE A 125 -5.75 18.91 -13.38
C ILE A 125 -5.56 19.19 -14.84
N GLU A 126 -6.62 18.97 -15.63
CA GLU A 126 -6.60 19.15 -17.08
C GLU A 126 -7.45 20.33 -17.47
N ASP A 127 -7.07 20.96 -18.56
CA ASP A 127 -7.77 22.11 -19.08
C ASP A 127 -9.24 21.71 -19.35
N GLY A 128 -10.19 22.58 -18.98
CA GLY A 128 -11.62 22.33 -19.08
C GLY A 128 -12.26 21.68 -17.86
N ASP A 129 -11.45 21.23 -16.92
CA ASP A 129 -11.97 20.48 -15.81
C ASP A 129 -12.98 21.29 -14.97
N ILE A 130 -14.06 20.62 -14.59
CA ILE A 130 -14.93 21.08 -13.51
C ILE A 130 -14.46 20.36 -12.27
N ILE A 131 -14.03 21.10 -11.25
CA ILE A 131 -13.63 20.51 -9.98
C ILE A 131 -14.70 20.77 -8.94
N MET A 132 -15.03 19.74 -8.17
CA MET A 132 -15.84 19.91 -6.99
C MET A 132 -14.97 19.86 -5.76
N THR A 133 -15.20 20.82 -4.86
CA THR A 133 -14.52 20.84 -3.56
C THR A 133 -15.52 20.92 -2.41
N HIS A 134 -14.98 20.86 -1.21
CA HIS A 134 -15.77 20.88 0.00
C HIS A 134 -15.02 21.65 1.08
N CYS A 135 -15.79 22.35 1.92
CA CYS A 135 -15.24 23.16 3.00
C CYS A 135 -14.31 24.25 2.44
N HIS A 136 -13.31 24.66 3.20
CA HIS A 136 -12.28 25.61 2.75
C HIS A 136 -10.96 25.04 3.18
N SER A 137 -10.16 24.67 2.21
CA SER A 137 -8.89 23.99 2.44
C SER A 137 -7.89 24.74 1.63
N LYS A 138 -6.84 25.14 2.33
CA LYS A 138 -5.82 26.00 1.76
C LYS A 138 -5.01 25.13 0.79
N ALA A 139 -4.81 23.88 1.18
CA ALA A 139 -4.08 22.93 0.37
C ALA A 139 -4.84 22.66 -0.94
N ALA A 140 -6.16 22.44 -0.87
CA ALA A 140 -7.01 22.24 -2.07
C ALA A 140 -7.04 23.46 -2.95
N ILE A 141 -7.19 24.60 -2.33
CA ILE A 141 -7.21 25.86 -3.07
C ILE A 141 -5.88 26.13 -3.75
N SER A 142 -4.80 25.68 -3.14
CA SER A 142 -3.49 25.89 -3.71
C SER A 142 -3.41 25.13 -5.04
N VAL A 143 -3.93 23.89 -5.03
CA VAL A 143 -4.03 23.07 -6.24
C VAL A 143 -4.88 23.76 -7.29
N MET A 144 -6.05 24.22 -6.90
CA MET A 144 -6.97 24.80 -7.89
C MET A 144 -6.44 26.11 -8.47
N LYS A 145 -5.98 26.99 -7.59
CA LYS A 145 -5.38 28.27 -7.96
C LYS A 145 -4.19 28.09 -8.89
N LYS A 146 -3.29 27.20 -8.53
CA LYS A 146 -2.14 26.90 -9.38
C LYS A 146 -2.54 26.40 -10.76
N ALA A 147 -3.50 25.48 -10.82
CA ALA A 147 -4.06 25.04 -12.11
C ALA A 147 -4.57 26.21 -12.94
N PHE A 148 -5.33 27.11 -12.32
CA PHE A 148 -5.80 28.31 -13.02
C PHE A 148 -4.67 29.24 -13.51
N GLU A 149 -3.63 29.45 -12.71
CA GLU A 149 -2.48 30.25 -13.14
C GLU A 149 -1.69 29.62 -14.28
N GLN A 150 -1.72 28.30 -14.37
CA GLN A 150 -1.18 27.58 -15.56
C GLN A 150 -2.01 27.76 -16.84
N GLY A 151 -3.10 28.54 -16.80
CA GLY A 151 -3.94 28.85 -17.98
C GLY A 151 -4.94 27.78 -18.36
N LYS A 152 -5.05 26.72 -17.56
CA LYS A 152 -6.12 25.73 -17.72
C LYS A 152 -7.44 26.40 -17.37
N ASN A 153 -8.46 26.19 -18.20
CA ASN A 153 -9.73 26.88 -17.99
C ASN A 153 -10.56 26.02 -17.14
N ILE A 154 -10.64 26.34 -15.85
CA ILE A 154 -11.36 25.50 -14.91
C ILE A 154 -12.58 26.20 -14.34
N LYS A 155 -13.42 25.43 -13.69
CA LYS A 155 -14.62 25.94 -12.99
C LYS A 155 -14.73 25.11 -11.75
N VAL A 156 -14.89 25.74 -10.60
CA VAL A 156 -15.00 24.99 -9.37
C VAL A 156 -16.42 24.98 -8.81
N ILE A 157 -16.92 23.80 -8.48
CA ILE A 157 -18.19 23.70 -7.72
C ILE A 157 -17.92 23.72 -6.23
N VAL A 158 -18.31 24.81 -5.58
CA VAL A 158 -18.13 24.96 -4.14
C VAL A 158 -19.37 24.50 -3.42
N THR A 159 -19.21 23.57 -2.51
CA THR A 159 -20.28 23.18 -1.61
C THR A 159 -20.23 24.06 -0.37
N GLU A 160 -21.39 24.57 0.00
CA GLU A 160 -21.54 25.57 1.05
C GLU A 160 -21.01 25.13 2.39
N THR A 161 -21.18 23.85 2.68
CA THR A 161 -20.56 23.22 3.85
C THR A 161 -21.19 23.66 5.15
N ARG A 162 -22.35 23.11 5.40
CA ARG A 162 -22.99 23.35 6.66
C ARG A 162 -22.24 22.64 7.79
N PRO A 163 -22.43 23.07 9.05
CA PRO A 163 -23.25 24.23 9.46
C PRO A 163 -22.60 25.58 9.36
N LYS A 164 -21.26 25.63 9.30
CA LYS A 164 -20.56 26.89 9.49
C LYS A 164 -20.28 27.66 8.24
N TRP A 165 -20.74 27.18 7.08
CA TRP A 165 -20.63 27.93 5.80
C TRP A 165 -19.20 28.19 5.27
N GLN A 166 -18.25 27.30 5.56
CA GLN A 166 -16.89 27.49 5.08
C GLN A 166 -16.87 27.67 3.56
N GLY A 167 -17.86 27.10 2.87
CA GLY A 167 -18.03 27.24 1.44
C GLY A 167 -18.20 28.63 0.94
N LYS A 168 -18.75 29.52 1.74
CA LYS A 168 -18.72 30.95 1.37
C LYS A 168 -17.28 31.51 1.24
N ILE A 169 -16.38 30.99 2.05
CA ILE A 169 -15.03 31.52 2.09
C ILE A 169 -14.35 31.07 0.82
N THR A 170 -14.52 29.79 0.55
CA THR A 170 -13.97 29.16 -0.63
C THR A 170 -14.45 29.79 -1.92
N ALA A 171 -15.75 30.04 -1.99
CA ALA A 171 -16.32 30.65 -3.18
C ALA A 171 -15.77 32.07 -3.46
N LYS A 172 -15.78 32.92 -2.45
CA LYS A 172 -15.32 34.31 -2.60
C LYS A 172 -13.82 34.36 -2.91
N GLU A 173 -13.04 33.59 -2.17
CA GLU A 173 -11.62 33.48 -2.43
C GLU A 173 -11.29 33.10 -3.87
N LEU A 174 -11.80 31.96 -4.32
CA LEU A 174 -11.55 31.48 -5.70
C LEU A 174 -12.02 32.46 -6.76
N ALA A 175 -13.21 33.02 -6.58
CA ALA A 175 -13.77 34.00 -7.52
C ALA A 175 -12.85 35.20 -7.60
N SER A 176 -12.24 35.56 -6.48
CA SER A 176 -11.37 36.70 -6.47
C SER A 176 -10.05 36.45 -7.21
N TYR A 177 -9.56 35.21 -7.35
CA TYR A 177 -8.41 34.91 -8.28
C TYR A 177 -8.84 34.77 -9.75
N GLY A 178 -10.13 34.97 -10.06
CA GLY A 178 -10.63 34.97 -11.44
C GLY A 178 -11.31 33.68 -11.84
N ILE A 179 -11.40 32.73 -10.90
CA ILE A 179 -11.83 31.35 -11.18
C ILE A 179 -13.35 31.32 -11.08
N PRO A 180 -14.04 30.98 -12.19
CA PRO A 180 -15.50 30.79 -12.14
C PRO A 180 -15.89 29.73 -11.13
N VAL A 181 -16.83 30.10 -10.25
CA VAL A 181 -17.34 29.24 -9.18
C VAL A 181 -18.82 28.94 -9.39
N ILE A 182 -19.22 27.68 -9.18
CA ILE A 182 -20.63 27.25 -9.08
C ILE A 182 -20.92 26.87 -7.62
N TYR A 183 -21.80 27.62 -6.95
CA TYR A 183 -22.13 27.39 -5.54
C TYR A 183 -23.43 26.62 -5.42
N ILE A 184 -23.41 25.57 -4.60
CA ILE A 184 -24.52 24.68 -4.37
C ILE A 184 -24.57 24.20 -2.94
N VAL A 185 -25.71 23.63 -2.57
CA VAL A 185 -25.86 23.02 -1.26
C VAL A 185 -25.20 21.66 -1.21
N ASP A 186 -24.74 21.24 -0.03
CA ASP A 186 -24.12 19.91 0.16
C ASP A 186 -24.95 18.77 -0.40
N SER A 187 -26.28 18.88 -0.30
CA SER A 187 -27.24 17.85 -0.87
C SER A 187 -27.17 17.65 -2.39
N ALA A 188 -26.75 18.68 -3.12
CA ALA A 188 -26.67 18.59 -4.59
C ALA A 188 -25.41 17.89 -5.18
N ALA A 189 -24.53 17.36 -4.31
CA ALA A 189 -23.23 16.82 -4.71
C ALA A 189 -23.39 15.73 -5.71
N ARG A 190 -24.23 14.73 -5.42
CA ARG A 190 -24.46 13.62 -6.39
C ARG A 190 -25.09 14.06 -7.74
N HIS A 191 -26.06 14.96 -7.65
CA HIS A 191 -26.79 15.53 -8.78
C HIS A 191 -25.78 16.12 -9.74
N TYR A 192 -24.77 16.77 -9.20
CA TYR A 192 -23.80 17.45 -10.04
C TYR A 192 -22.50 16.66 -10.18
N MET A 193 -22.42 15.45 -9.64
CA MET A 193 -21.25 14.64 -9.83
C MET A 193 -21.05 14.22 -11.28
N LYS A 194 -22.13 14.03 -12.03
CA LYS A 194 -22.07 13.69 -13.46
C LYS A 194 -21.24 14.72 -14.25
N MET A 195 -21.43 16.02 -14.00
CA MET A 195 -20.68 17.07 -14.73
C MET A 195 -19.23 17.32 -14.22
N THR A 196 -18.90 16.76 -13.05
CA THR A 196 -17.65 16.93 -12.36
C THR A 196 -16.57 15.98 -12.91
N ASP A 197 -15.36 16.51 -13.14
CA ASP A 197 -14.23 15.73 -13.65
C ASP A 197 -13.26 15.28 -12.55
N LYS A 198 -13.11 16.11 -11.51
CA LYS A 198 -12.19 15.87 -10.40
C LYS A 198 -12.77 16.43 -9.13
N VAL A 199 -12.52 15.74 -8.02
CA VAL A 199 -12.80 16.23 -6.71
C VAL A 199 -11.49 16.46 -5.97
N VAL A 200 -11.37 17.66 -5.40
CA VAL A 200 -10.18 18.08 -4.67
C VAL A 200 -10.60 18.66 -3.33
N MET A 201 -10.12 18.02 -2.28
CA MET A 201 -10.44 18.34 -0.89
C MET A 201 -9.23 18.28 0.07
N GLY A 202 -9.38 18.87 1.25
CA GLY A 202 -8.30 18.84 2.25
C GLY A 202 -8.39 17.70 3.23
N ALA A 203 -7.60 17.77 4.29
CA ALA A 203 -7.60 16.78 5.36
C ALA A 203 -7.27 17.43 6.68
N ASP A 204 -7.74 16.84 7.77
CA ASP A 204 -7.43 17.30 9.09
C ASP A 204 -6.59 16.27 9.77
N SER A 205 -6.99 15.01 9.66
CA SER A 205 -6.17 13.90 10.10
C SER A 205 -6.21 12.83 9.03
N ILE A 206 -5.11 12.11 8.84
CA ILE A 206 -5.06 10.97 7.95
C ILE A 206 -4.48 9.82 8.74
N THR A 207 -5.12 8.66 8.69
CA THR A 207 -4.74 7.60 9.58
C THR A 207 -3.80 6.59 8.93
N ALA A 208 -3.23 5.75 9.76
CA ALA A 208 -2.27 4.74 9.34
C ALA A 208 -2.80 3.85 8.23
N ASN A 209 -4.06 3.47 8.32
CA ASN A 209 -4.65 2.58 7.31
C ASN A 209 -5.23 3.29 6.07
N GLY A 210 -5.06 4.61 5.99
CA GLY A 210 -5.35 5.38 4.81
C GLY A 210 -6.60 6.25 4.84
N ALA A 211 -7.30 6.28 5.98
CA ALA A 211 -8.57 7.00 6.11
C ALA A 211 -8.31 8.47 6.28
N VAL A 212 -9.22 9.30 5.77
CA VAL A 212 -9.10 10.77 5.80
C VAL A 212 -10.27 11.33 6.62
N ILE A 213 -9.92 11.94 7.77
CA ILE A 213 -10.85 12.69 8.54
C ILE A 213 -10.76 14.07 7.97
N ASN A 214 -11.91 14.56 7.53
CA ASN A 214 -12.07 15.90 6.98
C ASN A 214 -13.46 16.40 7.29
N LYS A 215 -13.77 17.62 6.89
CA LYS A 215 -15.09 18.26 7.20
C LYS A 215 -16.32 17.38 6.95
N ILE A 216 -17.25 17.36 7.92
CA ILE A 216 -18.53 16.63 7.79
C ILE A 216 -19.07 16.81 6.39
N GLY A 217 -19.40 15.67 5.78
CA GLY A 217 -19.91 15.64 4.40
C GLY A 217 -18.91 15.15 3.39
N THR A 218 -17.67 14.98 3.82
CA THR A 218 -16.55 14.64 2.91
C THR A 218 -16.76 13.20 2.43
N SER A 219 -17.09 12.30 3.37
CA SER A 219 -17.28 10.91 3.05
C SER A 219 -18.42 10.71 2.07
N LEU A 220 -19.41 11.58 2.06
CA LEU A 220 -20.47 11.51 1.11
C LEU A 220 -20.01 11.88 -0.27
N ILE A 221 -19.21 12.94 -0.34
CA ILE A 221 -18.83 13.45 -1.66
C ILE A 221 -17.90 12.44 -2.34
N ALA A 222 -17.01 11.85 -1.54
CA ALA A 222 -16.13 10.82 -2.01
C ALA A 222 -16.89 9.55 -2.42
N LEU A 223 -17.87 9.19 -1.60
CA LEU A 223 -18.71 8.03 -1.89
C LEU A 223 -19.32 8.12 -3.29
N THR A 224 -20.00 9.23 -3.59
CA THR A 224 -20.68 9.35 -4.87
C THR A 224 -19.69 9.59 -5.99
N ALA A 225 -18.55 10.22 -5.70
CA ALA A 225 -17.44 10.41 -6.66
C ALA A 225 -16.90 9.07 -7.14
N LYS A 226 -16.80 8.12 -6.21
CA LYS A 226 -16.30 6.78 -6.54
C LYS A 226 -17.35 6.13 -7.44
N GLU A 227 -18.60 6.08 -6.98
CA GLU A 227 -19.76 5.67 -7.78
C GLU A 227 -19.74 6.14 -9.25
N HIS A 228 -19.38 7.40 -9.50
CA HIS A 228 -19.27 7.94 -10.86
C HIS A 228 -17.91 7.86 -11.57
N ARG A 229 -16.93 7.26 -10.88
CA ARG A 229 -15.50 7.27 -11.28
C ARG A 229 -14.87 8.64 -11.50
N VAL A 230 -15.26 9.63 -10.75
CA VAL A 230 -14.52 10.88 -10.66
C VAL A 230 -13.38 10.69 -9.68
N TRP A 231 -12.15 11.14 -10.02
CA TRP A 231 -11.01 11.03 -9.06
C TRP A 231 -11.26 11.84 -7.80
N VAL A 232 -10.96 11.26 -6.66
CA VAL A 232 -10.93 11.99 -5.41
C VAL A 232 -9.48 12.24 -5.01
N MET A 233 -9.06 13.50 -5.04
CA MET A 233 -7.69 13.85 -4.63
C MET A 233 -7.72 14.66 -3.34
N ILE A 234 -6.99 14.20 -2.32
CA ILE A 234 -6.91 14.85 -1.04
C ILE A 234 -5.55 15.54 -0.94
N ALA A 235 -5.56 16.87 -1.07
CA ALA A 235 -4.38 17.70 -0.82
C ALA A 235 -4.08 17.83 0.68
N ALA A 236 -2.96 17.28 1.10
CA ALA A 236 -2.64 17.23 2.52
C ALA A 236 -1.12 17.21 2.84
N GLU A 237 -0.70 18.11 3.72
CA GLU A 237 0.69 18.25 4.19
C GLU A 237 1.00 17.02 5.05
N THR A 238 2.26 16.60 5.13
CA THR A 238 2.67 15.45 5.95
C THR A 238 2.38 15.63 7.44
N TYR A 239 2.30 16.87 7.92
CA TYR A 239 1.86 17.07 9.31
C TYR A 239 0.30 16.83 9.52
N LYS A 240 -0.45 16.57 8.43
CA LYS A 240 -1.85 16.14 8.57
C LYS A 240 -1.95 14.69 8.94
N PHE A 241 -0.81 13.97 8.97
CA PHE A 241 -0.84 12.54 9.21
C PHE A 241 -0.70 12.26 10.70
N HIS A 242 -1.38 11.22 11.15
CA HIS A 242 -1.68 11.03 12.54
C HIS A 242 -0.90 9.88 13.18
N PRO A 243 0.16 10.21 13.94
CA PRO A 243 1.05 9.24 14.55
C PRO A 243 0.38 8.19 15.41
N ALA A 244 -0.45 8.59 16.35
CA ALA A 244 -1.02 7.64 17.31
C ALA A 244 -1.88 6.56 16.67
N THR A 245 -2.39 6.81 15.46
CA THR A 245 -3.12 5.79 14.70
C THR A 245 -2.23 4.61 14.30
N MET A 246 -0.91 4.76 14.27
CA MET A 246 0.01 3.63 14.09
C MET A 246 -0.17 2.56 15.16
N LEU A 247 -0.47 2.96 16.37
CA LEU A 247 -0.63 2.02 17.47
C LEU A 247 -2.08 1.89 17.96
N GLY A 248 -3.04 2.25 17.12
CA GLY A 248 -4.42 1.82 17.27
C GLY A 248 -5.39 2.86 17.77
N GLN A 249 -4.96 4.10 17.80
CA GLN A 249 -5.79 5.20 18.24
C GLN A 249 -6.91 5.51 17.23
N LEU A 250 -8.13 5.61 17.74
CA LEU A 250 -9.23 6.22 17.00
C LEU A 250 -9.15 7.70 17.14
N VAL A 251 -9.23 8.41 16.04
CA VAL A 251 -9.27 9.86 16.05
C VAL A 251 -10.59 10.29 16.66
N GLU A 252 -10.57 11.18 17.65
CA GLU A 252 -11.79 11.79 18.20
C GLU A 252 -12.48 12.68 17.16
N ILE A 253 -13.80 12.51 17.07
CA ILE A 253 -14.62 13.36 16.20
C ILE A 253 -15.28 14.51 16.98
N GLU A 254 -14.87 15.72 16.64
CA GLU A 254 -15.32 16.88 17.37
C GLU A 254 -16.81 17.13 17.22
N MET A 255 -17.53 17.07 18.33
CA MET A 255 -18.92 17.48 18.39
C MET A 255 -18.93 18.94 18.80
N ARG A 256 -19.45 19.81 17.95
CA ARG A 256 -19.58 21.20 18.30
C ARG A 256 -20.98 21.56 18.73
N ASP A 257 -21.10 22.77 19.26
CA ASP A 257 -22.34 23.24 19.86
C ASP A 257 -23.55 23.18 18.93
N PRO A 258 -24.68 22.66 19.45
CA PRO A 258 -25.95 22.61 18.75
C PRO A 258 -26.40 23.86 18.03
N THR A 259 -25.98 25.03 18.54
CA THR A 259 -26.45 26.32 18.01
C THR A 259 -25.76 26.78 16.74
N GLU A 260 -24.72 26.06 16.36
CA GLU A 260 -24.12 26.25 15.06
C GLU A 260 -25.12 25.83 13.97
N VAL A 261 -25.97 24.84 14.32
CA VAL A 261 -26.97 24.29 13.42
C VAL A 261 -28.29 25.09 13.43
N ILE A 262 -28.90 25.14 14.61
CA ILE A 262 -30.13 25.93 14.91
C ILE A 262 -29.66 27.05 15.82
N PRO A 263 -29.81 28.33 15.38
CA PRO A 263 -29.46 29.44 16.31
C PRO A 263 -30.20 29.37 17.66
N GLU A 264 -29.50 29.84 18.71
CA GLU A 264 -30.02 29.93 20.07
C GLU A 264 -31.48 30.47 20.16
N GLU A 265 -31.78 31.54 19.42
CA GLU A 265 -33.08 32.23 19.53
C GLU A 265 -34.21 31.33 19.11
N GLU A 266 -33.90 30.39 18.23
CA GLU A 266 -34.88 29.42 17.73
C GLU A 266 -34.78 28.09 18.54
N LEU A 267 -33.58 27.64 18.88
CA LEU A 267 -33.46 26.31 19.50
C LEU A 267 -34.09 26.25 20.88
N ARG A 268 -34.02 27.36 21.60
CA ARG A 268 -34.62 27.43 22.94
C ARG A 268 -36.15 27.22 22.90
N THR A 269 -36.82 27.64 21.80
CA THR A 269 -38.25 27.36 21.55
C THR A 269 -38.63 25.92 21.16
N TRP A 270 -37.67 25.07 20.85
CA TRP A 270 -37.92 23.73 20.30
C TRP A 270 -38.16 22.72 21.41
N PRO A 271 -38.98 21.66 21.16
CA PRO A 271 -39.26 20.67 22.17
C PRO A 271 -38.05 19.98 22.71
N LYS A 272 -38.19 19.47 23.92
CA LYS A 272 -37.09 18.88 24.65
C LYS A 272 -36.67 17.57 24.01
N ASN A 273 -37.59 16.87 23.31
CA ASN A 273 -37.34 15.53 22.76
CA ASN A 273 -37.39 15.52 22.75
C ASN A 273 -36.59 15.53 21.42
N ILE A 274 -36.11 16.71 20.98
CA ILE A 274 -35.23 16.84 19.83
C ILE A 274 -33.79 17.13 20.32
N GLU A 275 -32.81 16.31 19.93
CA GLU A 275 -31.40 16.63 20.16
C GLU A 275 -30.81 17.04 18.82
N VAL A 276 -30.14 18.18 18.78
CA VAL A 276 -29.28 18.55 17.66
C VAL A 276 -27.87 17.94 17.86
N TRP A 277 -27.46 17.10 16.91
CA TRP A 277 -26.08 16.55 16.83
C TRP A 277 -25.29 17.21 15.71
N ASN A 278 -24.12 17.75 16.07
CA ASN A 278 -23.24 18.55 15.20
C ASN A 278 -21.82 18.03 15.18
N PRO A 279 -21.62 16.89 14.51
CA PRO A 279 -20.25 16.38 14.33
C PRO A 279 -19.56 17.26 13.29
N ALA A 280 -18.31 17.63 13.56
CA ALA A 280 -17.58 18.62 12.72
C ALA A 280 -16.81 17.99 11.56
N PHE A 281 -16.71 16.67 11.57
CA PHE A 281 -15.82 15.93 10.69
C PHE A 281 -16.41 14.53 10.55
N ASP A 282 -16.12 13.83 9.44
CA ASP A 282 -16.42 12.40 9.29
C ASP A 282 -15.19 11.69 8.71
N VAL A 283 -15.27 10.38 8.54
CA VAL A 283 -14.16 9.57 8.15
C VAL A 283 -14.45 8.98 6.78
N THR A 284 -13.65 9.37 5.79
CA THR A 284 -13.72 8.84 4.44
C THR A 284 -12.78 7.65 4.37
N PRO A 285 -13.32 6.46 4.09
CA PRO A 285 -12.40 5.33 3.96
C PRO A 285 -11.50 5.43 2.74
N PRO A 286 -10.33 4.74 2.78
CA PRO A 286 -9.31 4.83 1.73
C PRO A 286 -9.78 4.40 0.35
N GLU A 287 -10.69 3.43 0.28
CA GLU A 287 -11.18 2.95 -1.02
C GLU A 287 -11.81 4.05 -1.86
N TYR A 288 -12.32 5.10 -1.22
CA TYR A 288 -12.92 6.20 -1.97
C TYR A 288 -11.93 7.32 -2.30
N ILE A 289 -10.65 7.09 -1.94
CA ILE A 289 -9.56 8.02 -2.26
C ILE A 289 -8.61 7.47 -3.31
N ASP A 290 -8.35 8.28 -4.32
CA ASP A 290 -7.46 7.90 -5.41
C ASP A 290 -5.99 8.24 -5.11
N VAL A 291 -5.73 9.50 -4.84
CA VAL A 291 -4.41 9.99 -4.43
C VAL A 291 -4.51 10.92 -3.24
N ILE A 292 -3.47 10.88 -2.39
CA ILE A 292 -3.20 11.94 -1.41
C ILE A 292 -2.00 12.66 -1.98
N ILE A 293 -2.14 13.95 -2.24
CA ILE A 293 -1.01 14.79 -2.68
C ILE A 293 -0.37 15.46 -1.47
N THR A 294 0.86 15.07 -1.14
CA THR A 294 1.66 15.67 -0.07
C THR A 294 2.75 16.49 -0.68
N GLU A 295 3.40 17.32 0.13
CA GLU A 295 4.54 18.15 -0.32
C GLU A 295 5.72 17.31 -0.84
N ARG A 296 5.75 16.04 -0.44
CA ARG A 296 6.70 15.04 -0.94
C ARG A 296 6.19 14.20 -2.09
N GLY A 297 5.08 14.59 -2.71
CA GLY A 297 4.49 13.87 -3.83
C GLY A 297 3.20 13.09 -3.61
N ILE A 298 2.64 12.70 -4.75
CA ILE A 298 1.48 11.82 -4.93
C ILE A 298 1.75 10.49 -4.27
N ILE A 299 0.81 10.04 -3.47
CA ILE A 299 0.81 8.68 -2.97
C ILE A 299 -0.60 8.05 -3.02
N PRO A 300 -0.68 6.73 -3.08
CA PRO A 300 -1.97 6.13 -2.81
C PRO A 300 -2.30 6.26 -1.33
N PRO A 301 -3.57 6.23 -0.94
CA PRO A 301 -3.84 6.39 0.48
C PRO A 301 -3.33 5.27 1.34
N TYR A 302 -3.13 4.09 0.80
CA TYR A 302 -2.58 3.00 1.60
C TYR A 302 -1.11 3.17 1.98
N ALA A 303 -0.43 4.12 1.34
CA ALA A 303 0.92 4.56 1.71
C ALA A 303 1.01 5.65 2.78
N ALA A 304 -0.09 5.92 3.49
CA ALA A 304 -0.05 6.82 4.64
C ALA A 304 0.85 6.25 5.78
N ILE A 305 0.80 4.94 5.98
CA ILE A 305 1.67 4.25 6.95
C ILE A 305 3.17 4.44 6.63
N ASP A 306 3.53 4.55 5.35
CA ASP A 306 4.92 4.82 4.95
C ASP A 306 5.33 6.25 5.40
N ILE A 307 4.49 7.23 5.11
CA ILE A 307 4.72 8.62 5.54
C ILE A 307 4.91 8.71 7.08
N LEU A 308 4.14 7.94 7.85
CA LEU A 308 4.17 8.01 9.30
C LEU A 308 5.37 7.30 9.88
N LYS A 309 5.72 6.15 9.30
CA LYS A 309 6.93 5.41 9.69
C LYS A 309 8.19 6.22 9.46
N GLU A 310 8.37 6.74 8.25
CA GLU A 310 9.58 7.51 7.94
C GLU A 310 9.63 8.91 8.59
N GLU A 311 8.52 9.44 9.10
CA GLU A 311 8.54 10.79 9.68
C GLU A 311 8.13 10.92 11.16
N PHE A 312 7.45 9.92 11.73
CA PHE A 312 6.87 10.01 13.10
C PHE A 312 7.08 8.75 13.98
N GLY A 313 7.56 7.64 13.40
CA GLY A 313 7.59 6.35 14.11
C GLY A 313 8.36 6.46 15.43
N TRP A 314 9.58 6.99 15.32
CA TRP A 314 10.52 7.19 16.46
C TRP A 314 9.93 7.72 17.79
N ALA A 315 9.01 8.68 17.68
CA ALA A 315 8.45 9.40 18.84
C ALA A 315 7.35 8.67 19.65
N LEU A 316 6.94 7.46 19.27
CA LEU A 316 5.78 6.78 19.90
C LEU A 316 6.08 5.91 21.13
N LYS A 317 7.36 5.53 21.32
CA LYS A 317 7.84 5.02 22.62
C LYS A 317 8.12 6.15 23.65
N TYR A 318 8.27 7.39 23.18
CA TYR A 318 8.37 8.55 24.08
C TYR A 318 6.98 9.10 24.43
N LYS A 319 6.88 9.57 25.66
CA LYS A 319 5.75 10.37 26.07
C LYS A 319 5.65 11.64 25.21
N GLU A 320 4.58 12.40 25.41
CA GLU A 320 4.39 13.65 24.68
C GLU A 320 5.43 14.69 25.20
N PRO A 321 6.05 15.50 24.33
CA PRO A 321 7.10 16.43 24.81
C PRO A 321 6.64 17.67 25.61
N TRP A 322 5.42 17.68 26.13
CA TRP A 322 4.97 18.71 27.10
C TRP A 322 4.47 18.09 28.42
N GLU A 323 4.63 16.77 28.54
CA GLU A 323 4.27 15.98 29.71
C GLU A 323 5.42 15.83 30.70
N ASP A 324 5.06 15.35 31.90
CA ASP A 324 6.03 15.11 32.97
C ASP A 324 5.52 14.06 33.95
N ALA B 3 25.34 17.11 -33.14
CA ALA B 3 25.07 17.40 -34.59
C ALA B 3 25.35 16.20 -35.51
N MET B 4 26.33 15.35 -35.17
CA MET B 4 26.91 14.35 -36.09
C MET B 4 26.38 12.92 -35.86
N ILE B 5 25.06 12.78 -36.00
CA ILE B 5 24.36 11.59 -35.48
C ILE B 5 24.42 10.42 -36.48
N VAL B 6 24.74 9.23 -35.98
CA VAL B 6 24.85 8.07 -36.87
C VAL B 6 23.49 7.66 -37.40
N LYS B 7 23.55 6.86 -38.43
CA LYS B 7 22.41 6.39 -39.17
C LYS B 7 21.54 5.40 -38.36
N GLU B 8 22.16 4.62 -37.49
CA GLU B 8 21.46 3.62 -36.66
C GLU B 8 20.55 4.25 -35.61
N VAL B 9 20.87 5.48 -35.23
CA VAL B 9 20.01 6.20 -34.31
C VAL B 9 18.72 6.56 -35.06
N TYR B 10 18.88 7.23 -36.20
CA TYR B 10 17.77 7.63 -37.07
C TYR B 10 16.89 6.46 -37.50
N GLU B 11 17.50 5.34 -37.90
CA GLU B 11 16.74 4.14 -38.29
C GLU B 11 15.95 3.60 -37.09
N THR B 12 16.61 3.46 -35.95
CA THR B 12 15.93 3.01 -34.72
C THR B 12 14.71 3.87 -34.31
N ALA B 13 14.83 5.18 -34.45
CA ALA B 13 13.72 6.07 -34.15
C ALA B 13 12.57 5.91 -35.15
N GLU B 14 12.91 5.88 -36.46
CA GLU B 14 11.95 5.56 -37.55
C GLU B 14 11.19 4.25 -37.27
N LYS B 15 11.91 3.22 -36.80
CA LYS B 15 11.34 1.90 -36.49
C LYS B 15 10.51 1.81 -35.21
N ILE B 16 10.80 2.68 -34.23
CA ILE B 16 9.99 2.78 -33.01
C ILE B 16 8.70 3.48 -33.40
N LYS B 17 8.80 4.62 -34.10
CA LYS B 17 7.62 5.34 -34.64
C LYS B 17 6.68 4.44 -35.42
N SER B 18 7.24 3.68 -36.34
CA SER B 18 6.46 2.86 -37.25
C SER B 18 5.92 1.60 -36.58
N MET B 19 6.37 1.29 -35.37
CA MET B 19 6.07 0.04 -34.67
C MET B 19 6.63 -1.22 -35.35
N GLU B 20 7.59 -1.05 -36.24
CA GLU B 20 8.42 -2.16 -36.65
C GLU B 20 9.15 -2.76 -35.43
N ILE B 21 9.60 -1.92 -34.51
CA ILE B 21 10.12 -2.33 -33.22
C ILE B 21 9.11 -1.84 -32.21
N ARG B 22 8.63 -2.72 -31.36
CA ARG B 22 7.47 -2.43 -30.54
C ARG B 22 7.49 -3.32 -29.32
N GLY B 23 6.55 -3.08 -28.41
CA GLY B 23 6.59 -3.69 -27.07
C GLY B 23 7.50 -2.81 -26.21
N ALA B 24 7.06 -2.52 -25.00
CA ALA B 24 7.73 -1.56 -24.17
C ALA B 24 9.18 -1.96 -23.93
N GLY B 25 9.37 -3.22 -23.57
CA GLY B 25 10.65 -3.70 -23.14
C GLY B 25 11.63 -3.63 -24.29
N ARG B 26 11.20 -4.14 -25.43
CA ARG B 26 12.05 -4.11 -26.61
C ARG B 26 12.43 -2.67 -27.07
N ILE B 27 11.49 -1.74 -27.02
CA ILE B 27 11.76 -0.35 -27.37
C ILE B 27 12.90 0.20 -26.45
N ALA B 28 12.86 -0.14 -25.15
CA ALA B 28 13.83 0.33 -24.20
C ALA B 28 15.27 -0.18 -24.55
N ARG B 29 15.35 -1.48 -24.76
CA ARG B 29 16.58 -2.10 -25.21
C ARG B 29 17.06 -1.50 -26.54
N ALA B 30 16.15 -1.23 -27.49
CA ALA B 30 16.54 -0.73 -28.81
C ALA B 30 17.12 0.65 -28.73
N ALA B 31 16.69 1.41 -27.73
CA ALA B 31 17.15 2.76 -27.51
C ALA B 31 18.52 2.81 -26.82
N ALA B 32 18.72 1.95 -25.82
CA ALA B 32 20.04 1.74 -25.25
C ALA B 32 21.05 1.38 -26.36
N GLN B 33 20.69 0.38 -27.16
CA GLN B 33 21.48 -0.08 -28.30
C GLN B 33 21.91 1.03 -29.21
N ALA B 34 20.98 1.93 -29.48
CA ALA B 34 21.21 3.02 -30.41
C ALA B 34 22.18 4.04 -29.83
N LEU B 35 22.09 4.32 -28.53
CA LEU B 35 23.10 5.12 -27.85
C LEU B 35 24.44 4.36 -27.87
N MET B 36 24.45 3.06 -27.57
CA MET B 36 25.64 2.22 -27.68
C MET B 36 26.34 2.41 -29.02
N ILE B 37 25.62 2.19 -30.10
CA ILE B 37 26.19 2.29 -31.43
C ILE B 37 26.70 3.74 -31.76
N GLN B 38 25.93 4.77 -31.38
CA GLN B 38 26.37 6.16 -31.53
C GLN B 38 27.77 6.37 -30.89
N ALA B 39 27.94 5.84 -29.68
CA ALA B 39 29.19 5.98 -28.95
C ALA B 39 30.29 5.11 -29.60
N GLU B 40 29.99 3.85 -29.91
CA GLU B 40 30.95 2.97 -30.62
C GLU B 40 31.53 3.67 -31.84
N LYS B 41 30.67 4.26 -32.66
CA LYS B 41 31.05 4.76 -33.96
C LYS B 41 31.36 6.26 -34.03
N SER B 42 31.31 6.95 -32.89
CA SER B 42 31.53 8.39 -32.94
C SER B 42 32.91 8.74 -33.46
N LYS B 43 33.01 9.88 -34.14
CA LYS B 43 34.26 10.42 -34.63
C LYS B 43 34.75 11.62 -33.78
N ALA B 44 34.05 11.92 -32.68
CA ALA B 44 34.40 13.01 -31.75
C ALA B 44 35.84 12.93 -31.23
N LYS B 45 36.42 14.10 -30.96
CA LYS B 45 37.79 14.22 -30.44
C LYS B 45 37.83 14.66 -29.00
N GLU B 46 37.04 15.67 -28.67
CA GLU B 46 36.79 16.09 -27.28
C GLU B 46 35.55 15.36 -26.63
N PRO B 47 35.58 15.11 -25.30
CA PRO B 47 34.37 14.65 -24.58
C PRO B 47 33.11 15.48 -24.82
N GLU B 48 33.23 16.81 -24.73
CA GLU B 48 32.12 17.76 -25.04
C GLU B 48 31.40 17.48 -26.37
N GLU B 49 32.12 16.93 -27.34
CA GLU B 49 31.56 16.63 -28.65
C GLU B 49 30.75 15.33 -28.60
N LEU B 50 31.30 14.32 -27.96
CA LEU B 50 30.59 13.05 -27.76
C LEU B 50 29.34 13.22 -26.92
N TRP B 51 29.49 13.94 -25.81
CA TRP B 51 28.40 14.34 -24.92
C TRP B 51 27.26 15.03 -25.66
N ASN B 52 27.64 15.94 -26.54
CA ASN B 52 26.69 16.62 -27.38
C ASN B 52 25.93 15.69 -28.36
N GLU B 53 26.61 14.67 -28.87
CA GLU B 53 25.99 13.68 -29.75
C GLU B 53 25.04 12.77 -29.00
N LEU B 54 25.48 12.31 -27.84
CA LEU B 54 24.68 11.46 -26.99
C LEU B 54 23.43 12.18 -26.43
N LYS B 55 23.49 13.51 -26.27
CA LYS B 55 22.31 14.28 -25.88
C LYS B 55 21.30 14.35 -27.03
N VAL B 56 21.79 14.75 -28.20
CA VAL B 56 20.94 14.88 -29.38
C VAL B 56 20.32 13.56 -29.81
N ALA B 57 21.12 12.50 -29.77
CA ALA B 57 20.64 11.15 -30.10
C ALA B 57 19.59 10.67 -29.09
N SER B 58 19.85 10.95 -27.81
CA SER B 58 18.84 10.76 -26.76
C SER B 58 17.53 11.48 -27.08
N LYS B 59 17.59 12.74 -27.48
CA LYS B 59 16.38 13.54 -27.78
C LYS B 59 15.57 12.92 -28.90
N ILE B 60 16.25 12.61 -29.99
CA ILE B 60 15.63 11.96 -31.12
C ILE B 60 14.95 10.64 -30.73
N LEU B 61 15.63 9.83 -29.94
CA LEU B 61 15.05 8.57 -29.48
C LEU B 61 13.81 8.76 -28.60
N TYR B 62 13.83 9.78 -27.74
CA TYR B 62 12.72 10.08 -26.84
C TYR B 62 11.48 10.61 -27.53
N ASN B 63 11.65 11.44 -28.55
CA ASN B 63 10.53 11.96 -29.36
C ASN B 63 10.06 10.97 -30.44
N THR B 64 9.90 9.72 -30.06
CA THR B 64 9.42 8.70 -30.94
C THR B 64 8.05 8.32 -30.43
N ARG B 65 7.99 7.76 -29.22
CA ARG B 65 6.74 7.34 -28.63
C ARG B 65 6.67 7.70 -27.13
N PRO B 66 5.58 8.41 -26.73
CA PRO B 66 5.48 8.97 -25.39
C PRO B 66 5.12 8.00 -24.31
N THR B 67 4.28 7.01 -24.59
CA THR B 67 3.54 6.36 -23.49
C THR B 67 4.34 5.37 -22.68
N ALA B 68 5.09 4.50 -23.35
CA ALA B 68 5.94 3.52 -22.62
C ALA B 68 7.13 4.29 -22.01
N VAL B 69 7.17 4.30 -20.68
CA VAL B 69 8.19 4.99 -19.93
C VAL B 69 9.51 4.20 -19.89
N SER B 70 9.42 2.91 -20.17
CA SER B 70 10.59 2.10 -20.40
C SER B 70 11.57 2.85 -21.32
N LEU B 71 11.07 3.50 -22.36
CA LEU B 71 11.99 4.20 -23.30
C LEU B 71 12.87 5.29 -22.63
N PRO B 72 12.26 6.37 -22.10
CA PRO B 72 13.08 7.32 -21.35
C PRO B 72 13.80 6.76 -20.09
N ASN B 73 13.29 5.73 -19.43
CA ASN B 73 14.03 5.07 -18.31
C ASN B 73 15.35 4.38 -18.79
N ALA B 74 15.35 3.89 -20.03
CA ALA B 74 16.51 3.29 -20.64
C ALA B 74 17.55 4.35 -21.01
N LEU B 75 17.05 5.43 -21.60
CA LEU B 75 17.87 6.57 -21.95
C LEU B 75 18.48 7.20 -20.72
N ARG B 76 17.73 7.26 -19.63
CA ARG B 76 18.26 7.77 -18.37
C ARG B 76 19.34 6.86 -17.77
N TYR B 77 19.12 5.55 -17.81
CA TYR B 77 20.08 4.63 -17.23
C TYR B 77 21.44 4.81 -17.91
N VAL B 78 21.43 5.00 -19.21
CA VAL B 78 22.63 5.37 -19.93
C VAL B 78 23.05 6.82 -19.59
N MET B 79 22.21 7.81 -19.89
CA MET B 79 22.63 9.19 -19.78
C MET B 79 22.91 9.74 -18.35
N HIS B 80 22.28 9.22 -17.29
CA HIS B 80 22.65 9.64 -15.92
C HIS B 80 24.14 9.34 -15.72
N ARG B 81 24.51 8.10 -16.06
CA ARG B 81 25.89 7.63 -15.96
C ARG B 81 26.87 8.36 -16.89
N VAL B 82 26.48 8.57 -18.14
CA VAL B 82 27.26 9.40 -19.05
C VAL B 82 27.42 10.86 -18.57
N LYS B 83 26.36 11.49 -18.05
CA LYS B 83 26.50 12.85 -17.62
C LYS B 83 27.44 12.91 -16.40
N ALA B 84 27.35 11.98 -15.46
CA ALA B 84 28.17 12.08 -14.24
C ALA B 84 29.66 11.91 -14.59
N ALA B 85 29.97 11.05 -15.56
CA ALA B 85 31.34 10.90 -16.10
C ALA B 85 31.85 12.17 -16.79
N TYR B 86 31.13 12.68 -17.79
CA TYR B 86 31.48 13.96 -18.45
C TYR B 86 31.79 15.05 -17.40
N LEU B 87 30.83 15.33 -16.51
CA LEU B 87 31.02 16.33 -15.44
C LEU B 87 32.11 16.01 -14.40
N GLY B 88 32.54 14.74 -14.32
CA GLY B 88 33.70 14.35 -13.54
C GLY B 88 35.01 14.45 -14.34
N GLY B 89 34.97 15.15 -15.47
CA GLY B 89 36.13 15.34 -16.29
C GLY B 89 36.58 14.20 -17.16
N ALA B 90 35.86 13.07 -17.19
CA ALA B 90 36.24 11.93 -18.04
C ALA B 90 36.80 12.34 -19.42
N ASP B 91 37.83 11.62 -19.86
CA ASP B 91 38.40 11.83 -21.20
C ASP B 91 37.46 11.21 -22.26
N LEU B 92 37.81 11.37 -23.54
CA LEU B 92 36.98 10.85 -24.63
C LEU B 92 36.64 9.39 -24.45
N GLU B 93 37.66 8.55 -24.33
CA GLU B 93 37.48 7.11 -24.28
C GLU B 93 36.81 6.61 -23.01
N THR B 94 36.91 7.37 -21.93
CA THR B 94 36.24 7.00 -20.69
C THR B 94 34.74 7.26 -20.84
N LEU B 95 34.39 8.41 -21.44
CA LEU B 95 33.00 8.71 -21.78
C LEU B 95 32.46 7.67 -22.77
N ARG B 96 33.17 7.44 -23.87
CA ARG B 96 32.72 6.44 -24.82
C ARG B 96 32.37 5.11 -24.12
N PHE B 97 33.19 4.70 -23.19
CA PHE B 97 33.00 3.42 -22.56
C PHE B 97 31.89 3.45 -21.49
N THR B 98 31.73 4.55 -20.78
CA THR B 98 30.62 4.67 -19.86
C THR B 98 29.29 4.51 -20.66
N ALA B 99 29.23 5.10 -21.85
CA ALA B 99 28.03 5.07 -22.65
C ALA B 99 27.75 3.67 -23.14
N ILE B 100 28.77 3.02 -23.68
CA ILE B 100 28.68 1.65 -24.20
C ILE B 100 28.37 0.62 -23.10
N ASN B 101 29.06 0.75 -21.98
CA ASN B 101 28.93 -0.22 -20.91
C ASN B 101 27.63 -0.03 -20.13
N SER B 102 27.10 1.21 -20.11
CA SER B 102 25.84 1.47 -19.44
C SER B 102 24.73 0.87 -20.25
N ALA B 103 24.78 1.09 -21.56
CA ALA B 103 23.81 0.54 -22.49
C ALA B 103 23.76 -0.98 -22.33
N LYS B 104 24.94 -1.59 -22.25
CA LYS B 104 25.07 -3.04 -22.16
C LYS B 104 24.49 -3.60 -20.87
N GLU B 105 24.65 -2.87 -19.79
CA GLU B 105 24.10 -3.28 -18.51
C GLU B 105 22.56 -3.30 -18.51
N PHE B 106 21.97 -2.24 -19.07
CA PHE B 106 20.52 -2.08 -19.18
C PHE B 106 19.93 -3.21 -19.99
N ILE B 107 20.53 -3.44 -21.15
CA ILE B 107 20.15 -4.54 -22.00
C ILE B 107 20.28 -5.87 -21.29
N TYR B 108 21.37 -6.10 -20.56
CA TYR B 108 21.56 -7.37 -19.85
C TYR B 108 20.53 -7.55 -18.70
N ASN B 109 20.25 -6.45 -18.01
CA ASN B 109 19.25 -6.42 -16.92
C ASN B 109 17.82 -6.55 -17.46
N SER B 110 17.55 -6.04 -18.65
CA SER B 110 16.25 -6.19 -19.24
C SER B 110 15.99 -7.65 -19.57
N GLU B 111 17.00 -8.38 -20.01
CA GLU B 111 16.83 -9.80 -20.40
C GLU B 111 16.68 -10.69 -19.16
N LYS B 112 17.51 -10.44 -18.13
CA LYS B 112 17.49 -11.21 -16.89
C LYS B 112 16.19 -10.97 -16.11
N ALA B 113 15.70 -9.73 -16.17
CA ALA B 113 14.49 -9.33 -15.45
C ALA B 113 13.28 -10.04 -15.98
N ILE B 114 13.20 -10.12 -17.33
CA ILE B 114 12.11 -10.81 -17.99
C ILE B 114 12.16 -12.32 -17.72
N GLU B 115 13.35 -12.91 -17.67
CA GLU B 115 13.45 -14.31 -17.28
C GLU B 115 12.89 -14.54 -15.84
N ARG B 116 13.24 -13.62 -14.96
CA ARG B 116 12.98 -13.70 -13.51
C ARG B 116 11.51 -13.47 -13.18
N ILE B 117 10.94 -12.50 -13.88
CA ILE B 117 9.49 -12.25 -13.86
C ILE B 117 8.76 -13.53 -14.26
N GLY B 118 9.21 -14.13 -15.36
CA GLY B 118 8.74 -15.44 -15.79
C GLY B 118 8.77 -16.51 -14.69
N GLU B 119 9.88 -16.57 -13.95
CA GLU B 119 10.04 -17.62 -12.94
C GLU B 119 9.14 -17.37 -11.76
N ILE B 120 8.91 -16.10 -11.48
CA ILE B 120 8.18 -15.69 -10.29
C ILE B 120 6.70 -15.82 -10.59
N GLY B 121 6.28 -15.26 -11.70
CA GLY B 121 4.88 -15.31 -12.10
C GLY B 121 4.33 -16.69 -12.34
N ALA B 122 5.20 -17.57 -12.86
CA ALA B 122 4.84 -18.95 -13.16
C ALA B 122 4.47 -19.71 -11.96
N LYS B 123 4.89 -19.27 -10.78
CA LYS B 123 4.49 -19.95 -9.56
C LYS B 123 3.04 -19.72 -9.24
N ARG B 124 2.50 -18.59 -9.70
CA ARG B 124 1.10 -18.30 -9.52
C ARG B 124 0.21 -19.01 -10.59
N ILE B 125 0.78 -19.71 -11.58
CA ILE B 125 -0.03 -20.46 -12.55
C ILE B 125 -0.13 -21.89 -12.07
N GLU B 126 -1.29 -22.50 -12.20
CA GLU B 126 -1.56 -23.86 -11.71
C GLU B 126 -1.98 -24.77 -12.85
N ASP B 127 -1.74 -26.07 -12.66
CA ASP B 127 -2.06 -27.07 -13.69
C ASP B 127 -3.56 -27.01 -14.04
N GLY B 128 -3.85 -26.93 -15.33
CA GLY B 128 -5.22 -26.82 -15.85
C GLY B 128 -5.67 -25.39 -16.15
N ASP B 129 -4.87 -24.39 -15.77
CA ASP B 129 -5.34 -23.02 -15.83
C ASP B 129 -5.61 -22.55 -17.24
N ILE B 130 -6.52 -21.61 -17.33
CA ILE B 130 -6.88 -20.98 -18.55
C ILE B 130 -6.60 -19.52 -18.29
N ILE B 131 -5.85 -18.91 -19.18
CA ILE B 131 -5.27 -17.63 -18.95
C ILE B 131 -5.74 -16.75 -20.09
N MET B 132 -6.35 -15.61 -19.77
CA MET B 132 -6.55 -14.64 -20.80
C MET B 132 -5.41 -13.66 -20.76
N THR B 133 -4.97 -13.24 -21.95
CA THR B 133 -3.95 -12.16 -22.09
C THR B 133 -4.44 -11.14 -23.10
N HIS B 134 -3.61 -10.16 -23.42
CA HIS B 134 -4.03 -9.05 -24.30
C HIS B 134 -2.77 -8.49 -24.89
N CYS B 135 -2.84 -7.95 -26.09
CA CYS B 135 -1.65 -7.49 -26.81
C CYS B 135 -0.61 -8.61 -26.93
N HIS B 136 0.62 -8.21 -27.24
CA HIS B 136 1.81 -9.07 -27.14
C HIS B 136 2.76 -8.43 -26.15
N SER B 137 2.92 -9.09 -25.00
CA SER B 137 3.85 -8.66 -23.96
C SER B 137 4.78 -9.81 -23.67
N LYS B 138 6.08 -9.53 -23.86
CA LYS B 138 7.19 -10.44 -23.53
C LYS B 138 7.22 -10.87 -22.11
N ALA B 139 6.84 -9.94 -21.22
CA ALA B 139 6.81 -10.19 -19.80
C ALA B 139 5.70 -11.17 -19.45
N ALA B 140 4.50 -10.92 -20.00
CA ALA B 140 3.39 -11.85 -19.84
C ALA B 140 3.73 -13.22 -20.41
N ILE B 141 4.29 -13.26 -21.62
CA ILE B 141 4.63 -14.53 -22.28
C ILE B 141 5.71 -15.31 -21.52
N SER B 142 6.63 -14.58 -20.88
CA SER B 142 7.65 -15.23 -20.09
C SER B 142 6.97 -16.10 -19.04
N VAL B 143 5.93 -15.58 -18.40
CA VAL B 143 5.22 -16.27 -17.31
C VAL B 143 4.52 -17.54 -17.82
N MET B 144 3.86 -17.42 -18.98
CA MET B 144 3.09 -18.54 -19.55
C MET B 144 4.01 -19.62 -20.07
N LYS B 145 5.06 -19.18 -20.77
CA LYS B 145 6.07 -20.07 -21.28
C LYS B 145 6.69 -20.89 -20.13
N LYS B 146 7.08 -20.24 -19.05
CA LYS B 146 7.73 -20.94 -17.97
C LYS B 146 6.78 -21.89 -17.25
N ALA B 147 5.52 -21.50 -17.12
CA ALA B 147 4.52 -22.35 -16.49
C ALA B 147 4.25 -23.63 -17.28
N PHE B 148 4.34 -23.54 -18.62
CA PHE B 148 4.24 -24.71 -19.50
C PHE B 148 5.46 -25.61 -19.39
N GLU B 149 6.66 -25.03 -19.47
CA GLU B 149 7.93 -25.78 -19.28
C GLU B 149 8.00 -26.48 -17.95
N GLN B 150 7.33 -25.96 -16.94
CA GLN B 150 7.19 -26.67 -15.66
C GLN B 150 6.22 -27.86 -15.71
N GLY B 151 5.57 -28.10 -16.85
CA GLY B 151 4.67 -29.24 -17.03
C GLY B 151 3.22 -29.01 -16.67
N LYS B 152 2.83 -27.76 -16.49
CA LYS B 152 1.45 -27.38 -16.24
C LYS B 152 0.72 -27.28 -17.60
N ASN B 153 -0.48 -27.86 -17.64
CA ASN B 153 -1.24 -27.94 -18.87
C ASN B 153 -2.09 -26.72 -18.82
N ILE B 154 -1.60 -25.66 -19.44
CA ILE B 154 -2.32 -24.41 -19.53
C ILE B 154 -2.87 -24.23 -20.94
N LYS B 155 -3.79 -23.30 -21.07
CA LYS B 155 -4.44 -22.99 -22.32
C LYS B 155 -4.62 -21.48 -22.27
N VAL B 156 -4.31 -20.78 -23.36
CA VAL B 156 -4.35 -19.33 -23.30
C VAL B 156 -5.38 -18.72 -24.26
N ILE B 157 -6.36 -17.99 -23.71
CA ILE B 157 -7.24 -17.18 -24.49
C ILE B 157 -6.49 -15.91 -24.90
N VAL B 158 -6.44 -15.63 -26.20
CA VAL B 158 -5.68 -14.55 -26.75
C VAL B 158 -6.64 -13.66 -27.48
N THR B 159 -6.59 -12.38 -27.14
CA THR B 159 -7.45 -11.40 -27.75
C THR B 159 -6.64 -10.81 -28.89
N GLU B 160 -7.30 -10.59 -30.02
CA GLU B 160 -6.68 -10.20 -31.29
C GLU B 160 -5.99 -8.84 -31.16
N THR B 161 -6.50 -8.00 -30.27
CA THR B 161 -5.90 -6.71 -29.98
C THR B 161 -5.87 -5.73 -31.17
N ARG B 162 -7.06 -5.29 -31.56
CA ARG B 162 -7.16 -4.27 -32.59
C ARG B 162 -6.62 -2.94 -32.08
N PRO B 163 -6.21 -2.05 -32.98
CA PRO B 163 -6.28 -2.19 -34.43
C PRO B 163 -5.12 -2.92 -35.11
N LYS B 164 -3.98 -3.03 -34.43
CA LYS B 164 -2.71 -3.44 -35.01
C LYS B 164 -2.43 -4.93 -34.91
N TRP B 165 -3.33 -5.64 -34.22
CA TRP B 165 -3.41 -7.09 -34.28
C TRP B 165 -2.26 -7.82 -33.57
N GLN B 166 -1.77 -7.27 -32.44
CA GLN B 166 -0.69 -7.89 -31.70
C GLN B 166 -1.07 -9.28 -31.18
N GLY B 167 -2.37 -9.55 -31.03
CA GLY B 167 -2.85 -10.89 -30.66
C GLY B 167 -2.31 -11.97 -31.57
N LYS B 168 -2.16 -11.64 -32.86
CA LYS B 168 -1.70 -12.62 -33.82
C LYS B 168 -0.28 -13.03 -33.50
N ILE B 169 0.51 -12.06 -33.08
CA ILE B 169 1.92 -12.28 -32.74
C ILE B 169 1.93 -13.22 -31.52
N THR B 170 1.06 -12.94 -30.55
CA THR B 170 1.01 -13.71 -29.30
C THR B 170 0.60 -15.15 -29.53
N ALA B 171 -0.33 -15.31 -30.46
CA ALA B 171 -0.97 -16.57 -30.70
C ALA B 171 0.04 -17.51 -31.35
N LYS B 172 0.74 -16.99 -32.36
CA LYS B 172 1.74 -17.79 -33.10
C LYS B 172 2.91 -18.15 -32.19
N GLU B 173 3.32 -17.19 -31.37
CA GLU B 173 4.37 -17.44 -30.40
C GLU B 173 3.97 -18.55 -29.41
N LEU B 174 2.84 -18.40 -28.74
CA LEU B 174 2.47 -19.38 -27.73
C LEU B 174 2.31 -20.75 -28.34
N ALA B 175 1.72 -20.77 -29.53
CA ALA B 175 1.50 -22.01 -30.28
C ALA B 175 2.83 -22.71 -30.58
N SER B 176 3.80 -21.89 -30.98
CA SER B 176 5.15 -22.37 -31.27
C SER B 176 5.83 -23.06 -30.08
N TYR B 177 5.52 -22.68 -28.83
CA TYR B 177 6.07 -23.40 -27.65
C TYR B 177 5.29 -24.65 -27.25
N GLY B 178 4.26 -25.00 -28.00
CA GLY B 178 3.39 -26.12 -27.65
C GLY B 178 2.16 -25.77 -26.84
N ILE B 179 1.98 -24.50 -26.50
CA ILE B 179 0.86 -24.09 -25.64
C ILE B 179 -0.35 -23.91 -26.53
N PRO B 180 -1.48 -24.59 -26.23
CA PRO B 180 -2.72 -24.35 -26.96
C PRO B 180 -3.30 -22.98 -26.71
N VAL B 181 -3.92 -22.42 -27.74
CA VAL B 181 -4.47 -21.10 -27.74
C VAL B 181 -5.93 -21.11 -28.21
N ILE B 182 -6.75 -20.29 -27.55
CA ILE B 182 -8.08 -19.93 -28.01
C ILE B 182 -8.02 -18.47 -28.43
N TYR B 183 -8.24 -18.20 -29.69
CA TYR B 183 -8.13 -16.85 -30.21
C TYR B 183 -9.55 -16.27 -30.41
N ILE B 184 -9.79 -15.08 -29.84
CA ILE B 184 -11.08 -14.39 -29.86
C ILE B 184 -10.93 -12.90 -30.17
N VAL B 185 -11.99 -12.27 -30.66
CA VAL B 185 -11.94 -10.82 -30.79
C VAL B 185 -11.99 -10.14 -29.41
N ASP B 186 -11.58 -8.87 -29.34
CA ASP B 186 -11.57 -8.13 -28.05
C ASP B 186 -12.96 -8.10 -27.33
N SER B 187 -14.03 -7.89 -28.10
CA SER B 187 -15.41 -7.82 -27.59
C SER B 187 -15.90 -9.05 -26.84
N ALA B 188 -15.28 -10.18 -27.10
CA ALA B 188 -15.66 -11.44 -26.51
C ALA B 188 -15.04 -11.68 -25.16
N ALA B 189 -14.18 -10.75 -24.71
CA ALA B 189 -13.49 -10.96 -23.43
C ALA B 189 -14.42 -11.25 -22.21
N ARG B 190 -15.58 -10.59 -22.11
CA ARG B 190 -16.48 -10.84 -20.96
C ARG B 190 -17.21 -12.16 -21.07
N HIS B 191 -17.77 -12.40 -22.25
CA HIS B 191 -18.34 -13.69 -22.64
C HIS B 191 -17.45 -14.87 -22.26
N TYR B 192 -16.12 -14.77 -22.40
CA TYR B 192 -15.23 -15.92 -21.99
C TYR B 192 -14.56 -15.78 -20.61
N MET B 193 -14.80 -14.68 -19.90
CA MET B 193 -14.22 -14.55 -18.58
C MET B 193 -14.69 -15.65 -17.63
N LYS B 194 -15.88 -16.17 -17.84
CA LYS B 194 -16.43 -17.21 -16.97
C LYS B 194 -15.57 -18.52 -16.98
N MET B 195 -14.84 -18.83 -18.07
CA MET B 195 -13.99 -20.03 -18.15
C MET B 195 -12.51 -19.75 -17.85
N THR B 196 -12.17 -18.49 -17.73
CA THR B 196 -10.84 -18.03 -17.44
C THR B 196 -10.56 -18.13 -15.97
N ASP B 197 -9.34 -18.54 -15.65
CA ASP B 197 -8.87 -18.68 -14.27
C ASP B 197 -7.97 -17.55 -13.90
N LYS B 198 -7.15 -17.07 -14.85
CA LYS B 198 -6.19 -16.00 -14.57
C LYS B 198 -6.13 -15.02 -15.75
N VAL B 199 -5.87 -13.76 -15.46
CA VAL B 199 -5.53 -12.84 -16.50
C VAL B 199 -4.10 -12.41 -16.26
N VAL B 200 -3.33 -12.31 -17.35
CA VAL B 200 -1.90 -12.01 -17.29
C VAL B 200 -1.57 -11.09 -18.43
N MET B 201 -1.31 -9.82 -18.13
CA MET B 201 -0.99 -8.83 -19.14
C MET B 201 0.30 -8.13 -18.75
N GLY B 202 0.77 -7.29 -19.66
CA GLY B 202 1.95 -6.46 -19.43
C GLY B 202 1.62 -5.05 -19.07
N ALA B 203 2.57 -4.16 -19.26
CA ALA B 203 2.47 -2.77 -18.85
C ALA B 203 3.45 -1.98 -19.66
N ASP B 204 3.08 -0.75 -19.99
CA ASP B 204 3.95 0.21 -20.66
C ASP B 204 4.47 1.27 -19.71
N SER B 205 3.58 1.79 -18.85
CA SER B 205 3.90 2.62 -17.69
C SER B 205 3.06 2.20 -16.47
N ILE B 206 3.67 2.25 -15.29
CA ILE B 206 2.97 2.04 -14.03
C ILE B 206 3.21 3.30 -13.17
N THR B 207 2.15 3.84 -12.59
CA THR B 207 2.18 5.16 -11.97
C THR B 207 2.30 5.02 -10.44
N ALA B 208 2.61 6.13 -9.80
CA ALA B 208 2.74 6.20 -8.33
C ALA B 208 1.59 5.57 -7.53
N ASN B 209 0.39 5.88 -7.96
CA ASN B 209 -0.76 5.40 -7.23
C ASN B 209 -1.18 3.96 -7.56
N GLY B 210 -0.48 3.30 -8.50
CA GLY B 210 -0.71 1.89 -8.77
C GLY B 210 -1.38 1.61 -10.11
N ALA B 211 -1.64 2.64 -10.92
CA ALA B 211 -2.40 2.42 -12.15
C ALA B 211 -1.46 1.87 -13.23
N VAL B 212 -2.00 1.02 -14.09
CA VAL B 212 -1.28 0.38 -15.15
C VAL B 212 -1.76 0.94 -16.50
N ILE B 213 -0.86 1.58 -17.21
CA ILE B 213 -1.12 2.02 -18.57
C ILE B 213 -0.59 0.92 -19.48
N ASN B 214 -1.46 0.30 -20.26
CA ASN B 214 -1.14 -0.81 -21.14
C ASN B 214 -2.03 -0.66 -22.37
N LYS B 215 -1.93 -1.59 -23.32
CA LYS B 215 -2.58 -1.48 -24.64
C LYS B 215 -4.06 -1.22 -24.46
N ILE B 216 -4.58 -0.35 -25.32
CA ILE B 216 -6.04 -0.04 -25.41
C ILE B 216 -6.88 -1.32 -25.28
N GLY B 217 -7.86 -1.31 -24.37
CA GLY B 217 -8.64 -2.51 -24.03
C GLY B 217 -8.29 -3.25 -22.75
N THR B 218 -7.10 -2.98 -22.23
CA THR B 218 -6.60 -3.67 -21.02
C THR B 218 -7.54 -3.41 -19.82
N SER B 219 -7.98 -2.15 -19.69
CA SER B 219 -8.88 -1.74 -18.62
C SER B 219 -10.18 -2.47 -18.64
N LEU B 220 -10.72 -2.74 -19.83
CA LEU B 220 -11.95 -3.51 -19.99
C LEU B 220 -11.81 -4.95 -19.52
N ILE B 221 -10.75 -5.59 -19.96
CA ILE B 221 -10.43 -6.94 -19.57
C ILE B 221 -10.25 -7.00 -18.05
N ALA B 222 -9.55 -6.03 -17.45
CA ALA B 222 -9.38 -6.04 -15.98
C ALA B 222 -10.70 -5.80 -15.25
N LEU B 223 -11.45 -4.80 -15.72
CA LEU B 223 -12.81 -4.56 -15.24
C LEU B 223 -13.68 -5.80 -15.16
N THR B 224 -13.83 -6.55 -16.26
CA THR B 224 -14.72 -7.71 -16.17
C THR B 224 -14.06 -8.89 -15.44
N ALA B 225 -12.72 -8.95 -15.44
CA ALA B 225 -11.99 -9.92 -14.58
C ALA B 225 -12.34 -9.76 -13.12
N LYS B 226 -12.36 -8.49 -12.67
CA LYS B 226 -12.74 -8.20 -11.30
C LYS B 226 -14.14 -8.64 -11.01
N GLU B 227 -15.05 -8.22 -11.86
CA GLU B 227 -16.47 -8.60 -11.79
C GLU B 227 -16.60 -10.10 -11.58
N HIS B 228 -15.74 -10.84 -12.27
CA HIS B 228 -15.74 -12.28 -12.18
C HIS B 228 -14.88 -12.93 -11.11
N ARG B 229 -14.17 -12.13 -10.30
CA ARG B 229 -13.15 -12.60 -9.36
C ARG B 229 -12.07 -13.44 -10.03
N VAL B 230 -11.61 -13.02 -11.20
CA VAL B 230 -10.42 -13.65 -11.82
C VAL B 230 -9.20 -12.80 -11.56
N TRP B 231 -8.11 -13.43 -11.09
CA TRP B 231 -6.92 -12.64 -10.72
C TRP B 231 -6.38 -11.92 -11.96
N VAL B 232 -6.05 -10.65 -11.80
CA VAL B 232 -5.38 -9.90 -12.84
C VAL B 232 -3.93 -9.73 -12.41
N MET B 233 -2.99 -10.25 -13.20
CA MET B 233 -1.58 -10.21 -12.86
C MET B 233 -0.95 -9.41 -13.95
N ILE B 234 -0.22 -8.37 -13.57
CA ILE B 234 0.53 -7.58 -14.51
C ILE B 234 2.00 -7.98 -14.41
N ALA B 235 2.58 -8.48 -15.52
CA ALA B 235 4.00 -8.85 -15.57
C ALA B 235 4.76 -7.64 -16.06
N ALA B 236 5.65 -7.11 -15.21
CA ALA B 236 6.26 -5.80 -15.48
C ALA B 236 7.59 -5.53 -14.74
N GLU B 237 8.54 -5.03 -15.53
CA GLU B 237 9.87 -4.79 -15.07
C GLU B 237 9.82 -3.48 -14.31
N THR B 238 10.67 -3.33 -13.31
CA THR B 238 10.88 -2.03 -12.63
C THR B 238 11.06 -0.82 -13.60
N TYR B 239 11.62 -0.99 -14.80
CA TYR B 239 11.78 0.17 -15.69
C TYR B 239 10.46 0.51 -16.41
N LYS B 240 9.42 -0.28 -16.18
CA LYS B 240 8.07 0.13 -16.58
C LYS B 240 7.45 1.15 -15.61
N PHE B 241 8.08 1.44 -14.49
CA PHE B 241 7.49 2.36 -13.54
C PHE B 241 7.86 3.79 -13.90
N HIS B 242 6.92 4.69 -13.65
CA HIS B 242 6.98 6.04 -14.19
C HIS B 242 7.35 7.04 -13.10
N PRO B 243 8.56 7.59 -13.17
CA PRO B 243 8.99 8.40 -12.04
C PRO B 243 8.37 9.78 -12.04
N ALA B 244 8.19 10.42 -13.19
CA ALA B 244 7.48 11.74 -13.23
C ALA B 244 6.14 11.80 -12.49
N THR B 245 5.44 10.66 -12.41
CA THR B 245 4.13 10.62 -11.75
C THR B 245 4.14 10.74 -10.24
N MET B 246 5.31 10.61 -9.59
CA MET B 246 5.40 10.81 -8.12
C MET B 246 5.21 12.31 -7.79
N LEU B 247 5.56 13.20 -8.73
CA LEU B 247 5.29 14.60 -8.59
C LEU B 247 4.11 15.06 -9.43
N GLY B 248 3.18 14.14 -9.71
CA GLY B 248 1.88 14.46 -10.32
C GLY B 248 1.75 14.56 -11.84
N GLN B 249 2.74 14.10 -12.60
CA GLN B 249 2.63 14.08 -14.06
C GLN B 249 1.55 13.08 -14.46
N LEU B 250 0.73 13.49 -15.44
CA LEU B 250 -0.14 12.57 -16.14
C LEU B 250 0.59 12.00 -17.30
N VAL B 251 0.40 10.72 -17.53
CA VAL B 251 1.00 10.02 -18.66
C VAL B 251 0.20 10.30 -19.94
N GLU B 252 0.90 10.73 -20.96
CA GLU B 252 0.34 10.97 -22.26
C GLU B 252 -0.09 9.63 -22.86
N ILE B 253 -1.33 9.63 -23.36
CA ILE B 253 -1.86 8.52 -24.13
C ILE B 253 -1.67 8.83 -25.61
N GLU B 254 -0.80 8.03 -26.24
CA GLU B 254 -0.47 8.15 -27.67
C GLU B 254 -1.71 7.97 -28.55
N MET B 255 -1.97 8.99 -29.37
CA MET B 255 -3.02 8.93 -30.38
C MET B 255 -2.31 8.59 -31.65
N ARG B 256 -2.57 7.41 -32.20
CA ARG B 256 -1.93 6.94 -33.43
C ARG B 256 -2.84 7.17 -34.63
N ASP B 257 -2.30 6.87 -35.81
CA ASP B 257 -2.91 7.27 -37.05
C ASP B 257 -4.28 6.61 -37.26
N PRO B 258 -5.28 7.39 -37.74
CA PRO B 258 -6.59 6.77 -38.10
C PRO B 258 -6.54 5.59 -39.08
N THR B 259 -5.56 5.59 -39.95
CA THR B 259 -5.42 4.58 -41.00
C THR B 259 -5.03 3.19 -40.47
N GLU B 260 -4.59 3.11 -39.22
CA GLU B 260 -4.41 1.81 -38.54
C GLU B 260 -5.77 1.12 -38.30
N VAL B 261 -6.82 1.94 -38.17
CA VAL B 261 -8.17 1.44 -37.87
C VAL B 261 -8.90 1.11 -39.17
N ILE B 262 -8.97 2.14 -40.03
CA ILE B 262 -9.57 2.09 -41.36
C ILE B 262 -8.45 2.40 -42.38
N PRO B 263 -7.97 1.40 -43.16
CA PRO B 263 -6.99 1.60 -44.26
C PRO B 263 -7.24 2.85 -45.16
N GLU B 264 -6.15 3.48 -45.59
CA GLU B 264 -6.12 4.65 -46.48
C GLU B 264 -7.15 4.66 -47.64
N GLU B 265 -7.25 3.57 -48.42
CA GLU B 265 -8.18 3.49 -49.59
C GLU B 265 -9.60 3.78 -49.17
N GLU B 266 -10.02 3.09 -48.11
CA GLU B 266 -11.38 3.18 -47.59
C GLU B 266 -11.67 4.53 -46.95
N LEU B 267 -10.76 4.96 -46.09
CA LEU B 267 -10.96 6.12 -45.25
C LEU B 267 -11.10 7.38 -46.09
N ARG B 268 -10.42 7.41 -47.23
CA ARG B 268 -10.55 8.58 -48.12
C ARG B 268 -11.93 8.65 -48.71
N THR B 269 -12.67 7.51 -48.74
CA THR B 269 -14.07 7.50 -49.23
C THR B 269 -15.10 7.94 -48.20
N TRP B 270 -14.67 8.17 -46.95
CA TRP B 270 -15.62 8.48 -45.88
C TRP B 270 -15.85 9.97 -45.74
N PRO B 271 -17.08 10.38 -45.30
CA PRO B 271 -17.34 11.84 -45.25
C PRO B 271 -16.59 12.52 -44.12
N LYS B 272 -16.34 13.81 -44.29
CA LYS B 272 -15.72 14.67 -43.26
C LYS B 272 -16.22 14.46 -41.82
N ASN B 273 -17.50 14.20 -41.63
CA ASN B 273 -18.12 14.23 -40.28
C ASN B 273 -18.01 12.90 -39.51
N ILE B 274 -17.30 11.91 -40.07
CA ILE B 274 -16.77 10.79 -39.26
C ILE B 274 -15.33 11.11 -38.87
N GLU B 275 -15.00 10.97 -37.57
CA GLU B 275 -13.64 11.16 -37.04
C GLU B 275 -13.22 9.80 -36.53
N VAL B 276 -12.10 9.30 -37.00
CA VAL B 276 -11.55 8.07 -36.45
C VAL B 276 -10.61 8.44 -35.34
N TRP B 277 -10.79 7.87 -34.14
CA TRP B 277 -9.92 8.09 -32.97
C TRP B 277 -9.20 6.79 -32.55
N ASN B 278 -7.86 6.85 -32.45
CA ASN B 278 -7.02 5.64 -32.24
C ASN B 278 -6.10 5.75 -31.01
N PRO B 279 -6.69 5.72 -29.79
CA PRO B 279 -5.84 5.68 -28.61
C PRO B 279 -5.18 4.33 -28.55
N ALA B 280 -3.87 4.34 -28.31
CA ALA B 280 -3.08 3.11 -28.31
C ALA B 280 -3.00 2.51 -26.90
N PHE B 281 -3.42 3.29 -25.91
CA PHE B 281 -3.34 2.86 -24.50
C PHE B 281 -4.55 3.31 -23.72
N ASP B 282 -4.84 2.58 -22.65
CA ASP B 282 -5.73 3.04 -21.66
C ASP B 282 -5.12 2.82 -20.27
N VAL B 283 -5.81 3.36 -19.27
CA VAL B 283 -5.41 3.33 -17.88
C VAL B 283 -6.34 2.39 -17.11
N THR B 284 -5.75 1.39 -16.47
CA THR B 284 -6.45 0.45 -15.65
C THR B 284 -6.21 0.85 -14.21
N PRO B 285 -7.27 1.20 -13.46
CA PRO B 285 -7.07 1.55 -12.04
C PRO B 285 -6.63 0.42 -11.14
N PRO B 286 -5.90 0.73 -10.08
CA PRO B 286 -5.32 -0.29 -9.21
C PRO B 286 -6.28 -1.22 -8.47
N GLU B 287 -7.51 -0.79 -8.23
CA GLU B 287 -8.51 -1.67 -7.61
C GLU B 287 -8.83 -2.95 -8.44
N TYR B 288 -8.63 -2.88 -9.77
CA TYR B 288 -8.78 -4.02 -10.68
C TYR B 288 -7.52 -4.87 -10.90
N ILE B 289 -6.39 -4.46 -10.36
CA ILE B 289 -5.18 -5.27 -10.39
C ILE B 289 -4.90 -5.94 -9.06
N ASP B 290 -4.62 -7.22 -9.10
CA ASP B 290 -4.34 -8.02 -7.91
C ASP B 290 -2.85 -8.05 -7.51
N VAL B 291 -1.97 -8.43 -8.46
CA VAL B 291 -0.52 -8.33 -8.26
C VAL B 291 0.17 -7.72 -9.46
N ILE B 292 1.28 -7.03 -9.21
CA ILE B 292 2.25 -6.70 -10.25
C ILE B 292 3.39 -7.68 -9.98
N ILE B 293 3.91 -8.30 -11.02
CA ILE B 293 5.02 -9.24 -10.91
C ILE B 293 6.18 -8.53 -11.55
N THR B 294 7.12 -8.12 -10.70
CA THR B 294 8.36 -7.49 -11.14
C THR B 294 9.51 -8.45 -10.96
N GLU B 295 10.69 -8.11 -11.46
CA GLU B 295 11.89 -8.95 -11.26
C GLU B 295 12.33 -9.09 -9.80
N ARG B 296 11.95 -8.13 -8.95
CA ARG B 296 12.25 -8.18 -7.51
C ARG B 296 11.11 -8.75 -6.70
N GLY B 297 10.12 -9.36 -7.35
CA GLY B 297 9.03 -10.01 -6.67
C GLY B 297 7.63 -9.44 -6.89
N ILE B 298 6.68 -10.17 -6.33
CA ILE B 298 5.28 -9.83 -6.26
C ILE B 298 5.07 -8.62 -5.34
N ILE B 299 4.23 -7.69 -5.82
CA ILE B 299 3.69 -6.59 -5.04
C ILE B 299 2.21 -6.31 -5.34
N PRO B 300 1.51 -5.73 -4.39
CA PRO B 300 0.17 -5.22 -4.73
C PRO B 300 0.35 -3.91 -5.48
N PRO B 301 -0.60 -3.51 -6.32
CA PRO B 301 -0.33 -2.33 -7.18
C PRO B 301 0.00 -1.07 -6.42
N TYR B 302 -0.52 -0.94 -5.20
CA TYR B 302 -0.34 0.27 -4.36
C TYR B 302 1.13 0.49 -3.91
N ALA B 303 1.91 -0.59 -3.89
CA ALA B 303 3.33 -0.54 -3.64
C ALA B 303 4.14 -0.17 -4.85
N ALA B 304 3.51 0.26 -5.94
CA ALA B 304 4.24 0.94 -7.02
C ALA B 304 5.10 2.10 -6.50
N ILE B 305 4.62 2.82 -5.52
CA ILE B 305 5.34 3.99 -5.01
C ILE B 305 6.66 3.58 -4.35
N ASP B 306 6.69 2.42 -3.70
CA ASP B 306 7.89 1.91 -3.04
C ASP B 306 8.96 1.60 -4.11
N ILE B 307 8.58 0.92 -5.19
CA ILE B 307 9.48 0.73 -6.35
C ILE B 307 10.01 2.08 -6.87
N LEU B 308 9.15 3.07 -6.99
CA LEU B 308 9.55 4.33 -7.54
C LEU B 308 10.46 5.11 -6.60
N LYS B 309 10.12 5.13 -5.31
CA LYS B 309 10.93 5.80 -4.30
C LYS B 309 12.34 5.21 -4.24
N GLU B 310 12.43 3.91 -3.98
CA GLU B 310 13.71 3.27 -3.68
C GLU B 310 14.65 3.20 -4.89
N GLU B 311 14.13 3.35 -6.10
CA GLU B 311 14.95 3.28 -7.31
C GLU B 311 15.03 4.52 -8.21
N PHE B 312 14.04 5.40 -8.20
CA PHE B 312 13.94 6.54 -9.15
C PHE B 312 13.77 7.91 -8.53
N GLY B 313 13.48 8.00 -7.23
CA GLY B 313 13.13 9.28 -6.61
C GLY B 313 14.26 10.30 -6.66
N TRP B 314 15.46 9.83 -6.28
CA TRP B 314 16.73 10.58 -6.28
C TRP B 314 16.89 11.55 -7.46
N ALA B 315 16.41 11.14 -8.64
CA ALA B 315 16.62 11.84 -9.92
C ALA B 315 15.68 13.01 -10.21
N LEU B 316 14.66 13.20 -9.38
CA LEU B 316 13.59 14.18 -9.68
C LEU B 316 13.86 15.61 -9.21
N LYS B 317 14.90 15.81 -8.38
CA LYS B 317 15.50 17.14 -8.17
C LYS B 317 16.31 17.65 -9.38
N TYR B 318 16.80 16.74 -10.23
CA TYR B 318 17.55 17.12 -11.42
C TYR B 318 16.67 17.19 -12.65
N LYS B 319 17.01 18.12 -13.54
CA LYS B 319 16.61 18.07 -14.95
C LYS B 319 17.11 16.78 -15.64
N GLU B 320 16.61 16.59 -16.85
CA GLU B 320 16.73 15.33 -17.57
C GLU B 320 18.19 15.13 -18.06
N PRO B 321 18.75 13.90 -17.95
CA PRO B 321 20.16 13.65 -18.24
C PRO B 321 20.66 14.10 -19.58
N TRP B 322 19.78 14.15 -20.56
CA TRP B 322 20.10 14.59 -21.92
C TRP B 322 19.81 16.07 -22.12
N GLU B 323 19.36 16.77 -21.08
CA GLU B 323 18.96 18.16 -21.22
C GLU B 323 20.15 19.05 -20.92
N ASP B 324 20.20 20.18 -21.65
CA ASP B 324 21.35 21.13 -21.66
C ASP B 324 21.62 21.80 -20.30
N ALA C 3 19.94 -38.44 12.82
CA ALA C 3 19.50 -39.85 13.00
C ALA C 3 19.02 -40.11 14.45
N MET C 4 19.69 -39.53 15.46
CA MET C 4 19.31 -39.70 16.90
C MET C 4 18.34 -38.61 17.39
N ILE C 5 17.04 -38.83 17.18
CA ILE C 5 16.02 -37.81 17.46
C ILE C 5 15.28 -38.12 18.74
N VAL C 6 15.22 -37.15 19.65
CA VAL C 6 14.52 -37.35 20.92
C VAL C 6 13.00 -37.48 20.72
N LYS C 7 12.36 -38.24 21.59
CA LYS C 7 10.96 -38.59 21.41
C LYS C 7 10.05 -37.37 21.50
N GLU C 8 10.49 -36.33 22.21
CA GLU C 8 9.73 -35.06 22.32
C GLU C 8 9.42 -34.43 20.96
N VAL C 9 10.39 -34.53 20.04
CA VAL C 9 10.23 -34.08 18.67
C VAL C 9 9.08 -34.88 18.03
N TYR C 10 9.09 -36.21 18.17
CA TYR C 10 8.04 -37.08 17.60
C TYR C 10 6.69 -36.88 18.27
N GLU C 11 6.67 -36.73 19.59
CA GLU C 11 5.42 -36.46 20.31
C GLU C 11 4.78 -35.18 19.75
N THR C 12 5.60 -34.13 19.63
CA THR C 12 5.14 -32.83 19.13
C THR C 12 4.55 -32.95 17.75
N ALA C 13 5.33 -33.51 16.84
CA ALA C 13 4.90 -33.69 15.46
C ALA C 13 3.58 -34.46 15.35
N GLU C 14 3.42 -35.51 16.14
CA GLU C 14 2.18 -36.28 16.20
C GLU C 14 1.03 -35.43 16.66
N LYS C 15 1.26 -34.71 17.76
CA LYS C 15 0.24 -33.83 18.35
C LYS C 15 -0.07 -32.60 17.52
N ILE C 16 0.76 -32.28 16.53
CA ILE C 16 0.45 -31.19 15.61
C ILE C 16 -0.44 -31.73 14.50
N LYS C 17 -0.09 -32.90 13.95
CA LYS C 17 -0.93 -33.59 12.94
C LYS C 17 -2.37 -33.81 13.43
N SER C 18 -2.51 -34.36 14.62
CA SER C 18 -3.84 -34.67 15.18
C SER C 18 -4.61 -33.46 15.72
N MET C 19 -3.97 -32.28 15.67
CA MET C 19 -4.48 -31.00 16.19
C MET C 19 -4.79 -30.93 17.68
N GLU C 20 -4.18 -31.82 18.45
CA GLU C 20 -4.09 -31.65 19.90
C GLU C 20 -3.33 -30.33 20.22
N ILE C 21 -2.30 -30.02 19.42
CA ILE C 21 -1.66 -28.69 19.41
C ILE C 21 -2.06 -27.92 18.13
N ARG C 22 -2.66 -26.74 18.35
CA ARG C 22 -3.35 -26.03 17.26
C ARG C 22 -3.35 -24.54 17.48
N GLY C 23 -3.72 -23.80 16.44
CA GLY C 23 -3.55 -22.34 16.42
C GLY C 23 -2.14 -22.07 15.95
N ALA C 24 -2.00 -21.18 14.97
CA ALA C 24 -0.73 -20.88 14.32
C ALA C 24 0.40 -20.47 15.27
N GLY C 25 0.12 -19.62 16.25
CA GLY C 25 1.11 -19.20 17.26
C GLY C 25 1.56 -20.39 18.10
N ARG C 26 0.62 -21.02 18.78
CA ARG C 26 0.94 -22.17 19.64
C ARG C 26 1.74 -23.28 18.94
N ILE C 27 1.41 -23.59 17.70
CA ILE C 27 2.13 -24.56 16.86
C ILE C 27 3.57 -24.13 16.69
N ALA C 28 3.77 -22.84 16.48
CA ALA C 28 5.09 -22.31 16.24
C ALA C 28 5.95 -22.42 17.49
N ARG C 29 5.35 -22.05 18.61
CA ARG C 29 6.01 -22.12 19.89
C ARG C 29 6.34 -23.54 20.16
N ALA C 30 5.40 -24.45 19.90
CA ALA C 30 5.60 -25.87 20.17
C ALA C 30 6.67 -26.52 19.28
N ALA C 31 6.89 -25.99 18.10
CA ALA C 31 7.94 -26.49 17.23
C ALA C 31 9.33 -26.03 17.69
N ALA C 32 9.43 -24.80 18.21
CA ALA C 32 10.68 -24.28 18.74
C ALA C 32 11.02 -24.98 20.03
N GLN C 33 10.03 -25.17 20.89
CA GLN C 33 10.15 -25.96 22.12
C GLN C 33 10.75 -27.36 21.90
N ALA C 34 10.27 -28.06 20.88
CA ALA C 34 10.84 -29.32 20.45
C ALA C 34 12.25 -29.20 19.85
N LEU C 35 12.57 -28.13 19.15
CA LEU C 35 13.95 -27.93 18.70
C LEU C 35 14.83 -27.74 19.93
N MET C 36 14.36 -26.92 20.87
CA MET C 36 15.02 -26.67 22.17
C MET C 36 15.30 -27.93 22.96
N ILE C 37 14.30 -28.79 23.13
CA ILE C 37 14.46 -30.05 23.86
C ILE C 37 15.42 -31.04 23.15
N GLN C 38 15.28 -31.19 21.83
CA GLN C 38 16.27 -31.95 21.02
C GLN C 38 17.73 -31.54 21.35
N ALA C 39 18.02 -30.24 21.36
CA ALA C 39 19.35 -29.73 21.66
C ALA C 39 19.78 -30.00 23.12
N GLU C 40 18.91 -29.70 24.08
CA GLU C 40 19.18 -29.96 25.50
C GLU C 40 19.53 -31.44 25.69
N LYS C 41 18.65 -32.34 25.28
CA LYS C 41 18.78 -33.81 25.50
C LYS C 41 19.66 -34.62 24.52
N SER C 42 20.34 -33.93 23.58
CA SER C 42 21.13 -34.61 22.55
C SER C 42 22.32 -35.31 23.20
N LYS C 43 22.66 -36.49 22.71
CA LYS C 43 23.87 -37.19 23.15
C LYS C 43 25.00 -37.12 22.11
N ALA C 44 24.99 -36.08 21.28
CA ALA C 44 25.99 -35.92 20.20
C ALA C 44 27.31 -35.40 20.76
N LYS C 45 28.41 -35.96 20.29
CA LYS C 45 29.72 -35.57 20.82
C LYS C 45 30.49 -34.67 19.86
N GLU C 46 30.07 -34.62 18.59
CA GLU C 46 30.66 -33.67 17.67
C GLU C 46 29.60 -32.59 17.37
N PRO C 47 30.04 -31.37 16.99
CA PRO C 47 29.09 -30.33 16.53
C PRO C 47 28.28 -30.73 15.26
N GLU C 48 28.96 -31.29 14.27
CA GLU C 48 28.32 -31.84 13.06
C GLU C 48 27.16 -32.81 13.34
N GLU C 49 27.26 -33.55 14.43
CA GLU C 49 26.28 -34.55 14.76
C GLU C 49 25.01 -33.92 15.32
N LEU C 50 25.16 -32.81 16.06
CA LEU C 50 24.00 -32.06 16.59
C LEU C 50 23.26 -31.32 15.46
N TRP C 51 24.03 -30.61 14.65
CA TRP C 51 23.55 -30.01 13.43
C TRP C 51 22.70 -30.96 12.62
N ASN C 52 23.10 -32.22 12.57
CA ASN C 52 22.33 -33.18 11.80
C ASN C 52 21.02 -33.59 12.46
N GLU C 53 21.04 -33.68 13.78
CA GLU C 53 19.82 -33.96 14.53
C GLU C 53 18.81 -32.80 14.42
N LEU C 54 19.28 -31.56 14.29
CA LEU C 54 18.38 -30.40 14.28
C LEU C 54 17.77 -30.21 12.89
N LYS C 55 18.62 -30.25 11.86
CA LYS C 55 18.18 -30.33 10.46
C LYS C 55 17.03 -31.34 10.31
N VAL C 56 17.21 -32.51 10.91
CA VAL C 56 16.24 -33.63 10.77
C VAL C 56 14.98 -33.39 11.59
N ALA C 57 15.14 -32.96 12.85
CA ALA C 57 14.03 -32.55 13.70
C ALA C 57 13.19 -31.49 13.00
N SER C 58 13.85 -30.50 12.41
CA SER C 58 13.20 -29.48 11.59
C SER C 58 12.35 -30.01 10.45
N LYS C 59 12.89 -30.94 9.67
CA LYS C 59 12.12 -31.57 8.58
C LYS C 59 10.93 -32.38 9.15
N ILE C 60 11.10 -33.04 10.29
CA ILE C 60 10.00 -33.81 10.87
C ILE C 60 8.88 -32.87 11.27
N LEU C 61 9.25 -31.67 11.71
CA LEU C 61 8.28 -30.72 12.25
C LEU C 61 7.56 -29.96 11.14
N TYR C 62 8.28 -29.63 10.08
CA TYR C 62 7.76 -28.91 8.93
C TYR C 62 6.72 -29.70 8.14
N ASN C 63 6.95 -31.01 7.98
CA ASN C 63 6.00 -31.94 7.30
C ASN C 63 4.89 -32.46 8.23
N THR C 64 4.26 -31.56 9.00
CA THR C 64 3.12 -31.88 9.85
C THR C 64 1.91 -31.18 9.22
N ARG C 65 1.89 -29.85 9.29
CA ARG C 65 0.78 -29.05 8.80
C ARG C 65 1.35 -27.92 7.92
N PRO C 66 0.92 -27.87 6.65
CA PRO C 66 1.60 -27.00 5.70
C PRO C 66 1.17 -25.55 5.75
N THR C 67 -0.07 -25.30 6.13
CA THR C 67 -0.69 -24.03 5.79
C THR C 67 -0.26 -22.86 6.67
N ALA C 68 -0.12 -23.08 7.97
CA ALA C 68 0.33 -21.99 8.89
C ALA C 68 1.87 -21.74 8.79
N VAL C 69 2.27 -20.60 8.22
CA VAL C 69 3.69 -20.28 8.02
C VAL C 69 4.41 -20.02 9.33
N SER C 70 3.65 -19.61 10.35
CA SER C 70 4.16 -19.52 11.72
C SER C 70 5.11 -20.67 12.08
N LEU C 71 4.76 -21.89 11.69
CA LEU C 71 5.60 -23.05 11.99
C LEU C 71 6.98 -22.98 11.32
N PRO C 72 7.03 -22.93 9.98
CA PRO C 72 8.37 -22.85 9.38
C PRO C 72 9.14 -21.55 9.73
N ASN C 73 8.44 -20.44 9.97
CA ASN C 73 9.08 -19.20 10.42
C ASN C 73 9.74 -19.31 11.82
N ALA C 74 9.22 -20.22 12.65
CA ALA C 74 9.77 -20.53 13.96
C ALA C 74 11.05 -21.35 13.83
N LEU C 75 10.94 -22.44 13.05
CA LEU C 75 12.10 -23.28 12.73
C LEU C 75 13.19 -22.43 12.05
N ARG C 76 12.78 -21.52 11.18
CA ARG C 76 13.70 -20.59 10.54
C ARG C 76 14.41 -19.71 11.54
N TYR C 77 13.66 -19.14 12.47
CA TYR C 77 14.26 -18.27 13.47
C TYR C 77 15.43 -19.02 14.17
N VAL C 78 15.14 -20.21 14.68
CA VAL C 78 16.18 -21.05 15.26
C VAL C 78 17.26 -21.45 14.21
N MET C 79 16.90 -22.12 13.13
CA MET C 79 17.91 -22.72 12.28
C MET C 79 18.72 -21.75 11.42
N HIS C 80 18.26 -20.52 11.18
CA HIS C 80 19.14 -19.53 10.53
C HIS C 80 20.38 -19.29 11.41
N ARG C 81 20.12 -19.18 12.72
CA ARG C 81 21.12 -18.87 13.73
C ARG C 81 22.00 -20.05 14.11
N VAL C 82 21.38 -21.23 14.25
CA VAL C 82 22.11 -22.46 14.44
C VAL C 82 23.02 -22.69 13.21
N LYS C 83 22.50 -22.55 12.01
CA LYS C 83 23.33 -22.64 10.81
C LYS C 83 24.45 -21.56 10.67
N ALA C 84 24.27 -20.35 11.20
CA ALA C 84 25.32 -19.32 11.12
C ALA C 84 26.43 -19.65 12.13
N ALA C 85 26.04 -20.08 13.33
CA ALA C 85 26.96 -20.55 14.35
C ALA C 85 27.80 -21.71 13.79
N TYR C 86 27.11 -22.75 13.29
CA TYR C 86 27.78 -23.98 12.81
C TYR C 86 28.83 -23.69 11.75
N LEU C 87 28.46 -22.87 10.77
CA LEU C 87 29.37 -22.50 9.69
C LEU C 87 30.50 -21.56 10.11
N GLY C 88 30.39 -20.91 11.27
CA GLY C 88 31.49 -20.09 11.79
C GLY C 88 32.37 -20.84 12.77
N GLY C 89 32.43 -22.17 12.62
CA GLY C 89 33.31 -23.01 13.42
C GLY C 89 32.83 -23.40 14.81
N ALA C 90 31.69 -22.88 15.25
CA ALA C 90 31.22 -23.10 16.62
C ALA C 90 31.40 -24.55 17.09
N ASP C 91 31.96 -24.69 18.29
CA ASP C 91 32.11 -26.01 18.94
C ASP C 91 30.76 -26.55 19.39
N LEU C 92 30.74 -27.75 19.95
CA LEU C 92 29.53 -28.39 20.39
C LEU C 92 28.72 -27.49 21.30
N GLU C 93 29.23 -27.12 22.46
CA GLU C 93 28.34 -26.45 23.44
C GLU C 93 27.87 -25.03 23.00
N THR C 94 28.63 -24.38 22.12
CA THR C 94 28.19 -23.14 21.48
C THR C 94 26.97 -23.37 20.59
N LEU C 95 27.00 -24.46 19.81
CA LEU C 95 25.88 -24.80 18.93
C LEU C 95 24.61 -25.09 19.75
N ARG C 96 24.73 -26.01 20.72
CA ARG C 96 23.61 -26.39 21.61
C ARG C 96 22.94 -25.19 22.24
N PHE C 97 23.74 -24.29 22.78
CA PHE C 97 23.19 -23.09 23.38
C PHE C 97 22.49 -22.25 22.31
N THR C 98 23.14 -21.97 21.17
CA THR C 98 22.52 -21.18 20.08
C THR C 98 21.10 -21.65 19.72
N ALA C 99 20.87 -22.96 19.75
CA ALA C 99 19.59 -23.56 19.43
C ALA C 99 18.62 -23.39 20.56
N ILE C 100 19.07 -23.62 21.78
CA ILE C 100 18.24 -23.41 22.98
C ILE C 100 17.83 -21.91 23.15
N ASN C 101 18.77 -21.02 22.96
CA ASN C 101 18.53 -19.60 23.20
C ASN C 101 17.74 -18.92 22.06
N SER C 102 17.93 -19.42 20.84
CA SER C 102 17.09 -19.03 19.75
C SER C 102 15.66 -19.51 19.98
N ALA C 103 15.47 -20.78 20.33
CA ALA C 103 14.14 -21.26 20.68
C ALA C 103 13.50 -20.39 21.77
N LYS C 104 14.26 -20.14 22.83
CA LYS C 104 13.76 -19.35 23.94
C LYS C 104 13.43 -17.92 23.51
N GLU C 105 14.21 -17.33 22.62
CA GLU C 105 13.93 -15.96 22.11
C GLU C 105 12.61 -15.91 21.36
N PHE C 106 12.38 -16.88 20.49
CA PHE C 106 11.18 -16.90 19.65
C PHE C 106 9.93 -17.05 20.49
N ILE C 107 10.01 -17.95 21.48
CA ILE C 107 8.92 -18.20 22.41
C ILE C 107 8.56 -17.00 23.28
N TYR C 108 9.57 -16.25 23.75
CA TYR C 108 9.33 -15.06 24.57
C TYR C 108 8.71 -13.96 23.67
N ASN C 109 9.32 -13.73 22.51
CA ASN C 109 8.79 -12.84 21.46
C ASN C 109 7.35 -13.09 21.03
N SER C 110 6.99 -14.35 20.88
CA SER C 110 5.63 -14.73 20.55
C SER C 110 4.66 -14.28 21.66
N GLU C 111 4.96 -14.63 22.91
CA GLU C 111 4.12 -14.23 24.04
C GLU C 111 4.00 -12.71 24.14
N LYS C 112 5.11 -11.98 23.97
CA LYS C 112 5.13 -10.51 24.01
C LYS C 112 4.43 -9.86 22.83
N ALA C 113 4.51 -10.48 21.64
CA ALA C 113 3.86 -9.97 20.44
C ALA C 113 2.35 -9.97 20.60
N ILE C 114 1.84 -11.03 21.20
CA ILE C 114 0.42 -11.28 21.35
C ILE C 114 -0.18 -10.37 22.40
N GLU C 115 0.61 -10.09 23.42
CA GLU C 115 0.22 -9.20 24.50
C GLU C 115 0.08 -7.81 23.90
N ARG C 116 1.04 -7.43 23.07
CA ARG C 116 1.08 -6.12 22.45
C ARG C 116 0.01 -5.89 21.35
N ILE C 117 -0.32 -6.94 20.59
CA ILE C 117 -1.47 -6.93 19.69
C ILE C 117 -2.77 -6.67 20.45
N GLY C 118 -2.91 -7.28 21.61
CA GLY C 118 -4.06 -7.06 22.48
C GLY C 118 -4.21 -5.59 22.83
N GLU C 119 -3.11 -4.96 23.25
CA GLU C 119 -3.10 -3.53 23.62
C GLU C 119 -3.33 -2.60 22.43
N ILE C 120 -2.78 -2.92 21.26
CA ILE C 120 -2.99 -2.06 20.07
C ILE C 120 -4.44 -2.20 19.54
N GLY C 121 -4.85 -3.45 19.40
CA GLY C 121 -6.20 -3.78 18.96
C GLY C 121 -7.37 -3.38 19.84
N ALA C 122 -7.19 -3.41 21.16
CA ALA C 122 -8.27 -2.97 22.08
C ALA C 122 -8.63 -1.50 21.90
N LYS C 123 -7.67 -0.69 21.49
CA LYS C 123 -7.93 0.72 21.25
C LYS C 123 -8.93 0.97 20.13
N ARG C 124 -9.08 -0.04 19.27
CA ARG C 124 -10.02 0.04 18.18
C ARG C 124 -11.41 -0.46 18.56
N ILE C 125 -11.53 -1.16 19.68
CA ILE C 125 -12.83 -1.54 20.22
C ILE C 125 -13.36 -0.39 21.09
N GLU C 126 -14.62 -0.03 20.89
CA GLU C 126 -15.27 1.07 21.58
C GLU C 126 -16.29 0.48 22.52
N ASP C 127 -16.63 1.20 23.59
CA ASP C 127 -17.59 0.74 24.60
C ASP C 127 -18.94 0.52 23.92
N GLY C 128 -19.54 -0.64 24.19
CA GLY C 128 -20.81 -1.01 23.56
C GLY C 128 -20.69 -2.10 22.50
N ASP C 129 -19.55 -2.08 21.79
CA ASP C 129 -19.34 -2.87 20.59
C ASP C 129 -19.81 -4.30 20.68
N ILE C 130 -20.31 -4.80 19.56
CA ILE C 130 -20.51 -6.22 19.39
C ILE C 130 -19.50 -6.72 18.39
N ILE C 131 -18.87 -7.85 18.72
CA ILE C 131 -17.74 -8.34 17.95
C ILE C 131 -18.06 -9.73 17.48
N MET C 132 -17.97 -9.93 16.17
CA MET C 132 -18.00 -11.26 15.64
C MET C 132 -16.58 -11.76 15.46
N THR C 133 -16.38 -13.03 15.71
CA THR C 133 -15.08 -13.69 15.50
C THR C 133 -15.34 -15.09 14.91
N HIS C 134 -14.26 -15.79 14.63
CA HIS C 134 -14.32 -17.06 13.91
C HIS C 134 -13.17 -17.86 14.41
N CYS C 135 -13.30 -19.17 14.39
CA CYS C 135 -12.27 -20.07 14.92
C CYS C 135 -11.89 -19.68 16.35
N HIS C 136 -10.79 -20.25 16.80
CA HIS C 136 -10.20 -19.85 18.05
C HIS C 136 -8.83 -19.28 17.79
N SER C 137 -8.71 -17.94 17.92
CA SER C 137 -7.45 -17.26 17.72
C SER C 137 -7.02 -16.52 19.00
N LYS C 138 -5.85 -16.96 19.48
CA LYS C 138 -5.13 -16.41 20.62
C LYS C 138 -4.85 -14.92 20.41
N ALA C 139 -4.53 -14.48 19.20
CA ALA C 139 -4.31 -13.06 18.97
C ALA C 139 -5.63 -12.25 18.91
N ALA C 140 -6.68 -12.82 18.34
CA ALA C 140 -8.02 -12.16 18.33
C ALA C 140 -8.56 -12.02 19.75
N ILE C 141 -8.42 -13.09 20.52
CA ILE C 141 -8.82 -13.14 21.93
C ILE C 141 -8.06 -12.14 22.81
N SER C 142 -6.82 -11.82 22.46
CA SER C 142 -6.02 -10.88 23.21
C SER C 142 -6.65 -9.49 23.09
N VAL C 143 -7.11 -9.18 21.89
CA VAL C 143 -7.76 -7.91 21.61
C VAL C 143 -9.07 -7.81 22.38
N MET C 144 -9.82 -8.90 22.38
CA MET C 144 -11.13 -8.87 22.97
C MET C 144 -11.02 -8.83 24.47
N LYS C 145 -9.98 -9.47 25.00
CA LYS C 145 -9.76 -9.53 26.45
C LYS C 145 -9.28 -8.19 27.00
N LYS C 146 -8.26 -7.62 26.37
CA LYS C 146 -7.76 -6.34 26.82
C LYS C 146 -8.87 -5.32 26.82
N ALA C 147 -9.63 -5.25 25.74
CA ALA C 147 -10.76 -4.32 25.65
C ALA C 147 -11.76 -4.45 26.80
N PHE C 148 -12.11 -5.68 27.18
CA PHE C 148 -12.98 -5.92 28.34
C PHE C 148 -12.31 -5.53 29.65
N GLU C 149 -11.02 -5.85 29.77
CA GLU C 149 -10.23 -5.45 30.93
C GLU C 149 -10.23 -3.93 31.06
N GLN C 150 -10.15 -3.19 29.95
CA GLN C 150 -10.25 -1.73 29.97
C GLN C 150 -11.64 -1.17 30.42
N GLY C 151 -12.62 -2.03 30.74
CA GLY C 151 -13.93 -1.59 31.21
C GLY C 151 -15.02 -1.42 30.15
N LYS C 152 -14.66 -1.62 28.88
CA LYS C 152 -15.64 -1.53 27.78
C LYS C 152 -16.62 -2.70 27.86
N ASN C 153 -17.89 -2.44 27.62
CA ASN C 153 -18.91 -3.48 27.72
C ASN C 153 -19.11 -3.90 26.28
N ILE C 154 -18.63 -5.09 25.99
CA ILE C 154 -18.71 -5.69 24.67
C ILE C 154 -19.46 -7.00 24.83
N LYS C 155 -19.97 -7.51 23.73
CA LYS C 155 -20.44 -8.92 23.65
C LYS C 155 -19.68 -9.51 22.46
N VAL C 156 -19.51 -10.82 22.44
CA VAL C 156 -18.82 -11.43 21.31
C VAL C 156 -19.68 -12.51 20.65
N ILE C 157 -19.89 -12.39 19.33
CA ILE C 157 -20.52 -13.43 18.52
C ILE C 157 -19.45 -14.43 18.09
N VAL C 158 -19.53 -15.61 18.67
CA VAL C 158 -18.62 -16.67 18.42
C VAL C 158 -19.28 -17.66 17.49
N THR C 159 -18.76 -17.72 16.27
CA THR C 159 -19.16 -18.71 15.30
C THR C 159 -18.52 -20.05 15.62
N GLU C 160 -19.32 -21.08 15.46
CA GLU C 160 -19.01 -22.38 15.98
C GLU C 160 -17.78 -23.03 15.31
N THR C 161 -17.47 -22.59 14.08
CA THR C 161 -16.32 -23.05 13.33
C THR C 161 -16.31 -24.58 13.12
N ARG C 162 -17.19 -25.07 12.28
CA ARG C 162 -17.09 -26.45 11.82
C ARG C 162 -15.85 -26.60 10.89
N PRO C 163 -15.34 -27.82 10.74
CA PRO C 163 -15.83 -29.10 11.35
C PRO C 163 -15.36 -29.40 12.77
N LYS C 164 -14.19 -28.89 13.12
CA LYS C 164 -13.56 -29.22 14.41
C LYS C 164 -14.03 -28.42 15.64
N TRP C 165 -15.03 -27.56 15.49
CA TRP C 165 -15.69 -26.91 16.63
C TRP C 165 -14.80 -25.96 17.45
N GLN C 166 -13.87 -25.29 16.80
CA GLN C 166 -12.99 -24.36 17.50
C GLN C 166 -13.79 -23.33 18.27
N GLY C 167 -14.95 -22.95 17.74
CA GLY C 167 -15.81 -21.95 18.38
C GLY C 167 -16.20 -22.24 19.80
N LYS C 168 -16.26 -23.52 20.17
CA LYS C 168 -16.54 -23.89 21.54
C LYS C 168 -15.39 -23.53 22.49
N ILE C 169 -14.16 -23.65 22.03
CA ILE C 169 -12.98 -23.29 22.82
C ILE C 169 -13.01 -21.77 23.13
N THR C 170 -13.31 -21.00 22.08
CA THR C 170 -13.41 -19.55 22.13
C THR C 170 -14.54 -19.08 23.03
N ALA C 171 -15.63 -19.82 23.01
CA ALA C 171 -16.83 -19.43 23.71
C ALA C 171 -16.65 -19.58 25.22
N LYS C 172 -16.08 -20.74 25.62
CA LYS C 172 -15.80 -21.06 27.03
C LYS C 172 -14.71 -20.13 27.54
N GLU C 173 -13.66 -19.95 26.75
CA GLU C 173 -12.57 -19.07 27.14
C GLU C 173 -13.08 -17.65 27.41
N LEU C 174 -13.70 -17.00 26.43
CA LEU C 174 -14.21 -15.62 26.64
C LEU C 174 -15.21 -15.47 27.85
N ALA C 175 -16.15 -16.41 27.93
CA ALA C 175 -17.03 -16.53 29.11
C ALA C 175 -16.22 -16.62 30.39
N SER C 176 -15.19 -17.45 30.40
CA SER C 176 -14.30 -17.56 31.57
C SER C 176 -13.68 -16.22 32.01
N TYR C 177 -13.39 -15.28 31.09
CA TYR C 177 -12.93 -13.92 31.49
C TYR C 177 -14.07 -12.97 31.88
N GLY C 178 -15.31 -13.43 31.76
CA GLY C 178 -16.47 -12.60 32.11
C GLY C 178 -17.08 -11.81 30.96
N ILE C 179 -16.72 -12.18 29.73
CA ILE C 179 -17.22 -11.53 28.53
C ILE C 179 -18.46 -12.30 28.08
N PRO C 180 -19.61 -11.62 27.95
CA PRO C 180 -20.78 -12.31 27.39
C PRO C 180 -20.55 -12.70 25.93
N VAL C 181 -20.90 -13.95 25.63
CA VAL C 181 -20.87 -14.60 24.32
C VAL C 181 -22.29 -14.86 23.72
N ILE C 182 -22.40 -14.60 22.42
CA ILE C 182 -23.48 -15.11 21.58
C ILE C 182 -22.89 -16.20 20.69
N TYR C 183 -23.36 -17.44 20.82
CA TYR C 183 -22.83 -18.57 20.01
C TYR C 183 -23.82 -18.93 18.91
N ILE C 184 -23.34 -19.00 17.67
CA ILE C 184 -24.17 -19.22 16.48
C ILE C 184 -23.43 -20.17 15.55
N VAL C 185 -24.17 -20.79 14.63
CA VAL C 185 -23.57 -21.61 13.60
C VAL C 185 -22.89 -20.72 12.54
N ASP C 186 -21.95 -21.27 11.80
CA ASP C 186 -21.23 -20.48 10.79
C ASP C 186 -22.22 -19.79 9.81
N SER C 187 -23.22 -20.54 9.32
CA SER C 187 -24.23 -20.04 8.34
C SER C 187 -25.01 -18.78 8.76
N ALA C 188 -25.13 -18.55 10.08
CA ALA C 188 -25.82 -17.37 10.64
C ALA C 188 -25.04 -16.03 10.61
N ALA C 189 -23.77 -16.08 10.17
CA ALA C 189 -22.89 -14.88 10.05
C ALA C 189 -23.51 -13.71 9.39
N ARG C 190 -24.08 -13.87 8.20
CA ARG C 190 -24.72 -12.69 7.54
C ARG C 190 -25.96 -12.17 8.28
N HIS C 191 -26.83 -13.08 8.69
CA HIS C 191 -28.01 -12.75 9.45
C HIS C 191 -27.70 -11.83 10.62
N TYR C 192 -26.60 -12.10 11.33
CA TYR C 192 -26.24 -11.32 12.52
C TYR C 192 -25.22 -10.23 12.29
N MET C 193 -24.79 -10.05 11.05
CA MET C 193 -23.81 -9.04 10.75
C MET C 193 -24.36 -7.61 10.90
N LYS C 194 -25.68 -7.44 10.82
CA LYS C 194 -26.30 -6.12 11.01
C LYS C 194 -26.07 -5.58 12.43
N MET C 195 -26.13 -6.44 13.41
CA MET C 195 -25.93 -6.05 14.78
C MET C 195 -24.46 -6.05 15.21
N THR C 196 -23.57 -6.50 14.32
CA THR C 196 -22.17 -6.58 14.61
C THR C 196 -21.54 -5.25 14.28
N ASP C 197 -20.67 -4.77 15.16
CA ASP C 197 -19.95 -3.47 14.98
C ASP C 197 -18.52 -3.68 14.46
N LYS C 198 -17.83 -4.73 14.96
CA LYS C 198 -16.44 -5.03 14.52
C LYS C 198 -16.32 -6.50 14.32
N VAL C 199 -15.51 -6.89 13.33
CA VAL C 199 -15.08 -8.26 13.20
C VAL C 199 -13.59 -8.37 13.51
N VAL C 200 -13.23 -9.35 14.33
CA VAL C 200 -11.83 -9.56 14.75
C VAL C 200 -11.46 -11.05 14.65
N MET C 201 -10.49 -11.38 13.80
CA MET C 201 -10.07 -12.78 13.56
C MET C 201 -8.57 -12.88 13.44
N GLY C 202 -8.07 -14.13 13.52
CA GLY C 202 -6.68 -14.46 13.45
C GLY C 202 -6.17 -14.62 12.04
N ALA C 203 -5.02 -15.25 11.90
CA ALA C 203 -4.45 -15.51 10.58
C ALA C 203 -3.47 -16.65 10.69
N ASP C 204 -3.46 -17.51 9.70
CA ASP C 204 -2.44 -18.55 9.59
C ASP C 204 -1.27 -18.14 8.70
N SER C 205 -1.55 -17.44 7.62
CA SER C 205 -0.50 -16.89 6.78
C SER C 205 -1.03 -15.62 6.18
N ILE C 206 -0.14 -14.69 5.87
CA ILE C 206 -0.53 -13.47 5.22
C ILE C 206 0.46 -13.28 4.09
N THR C 207 -0.01 -12.87 2.92
CA THR C 207 0.79 -12.98 1.72
C THR C 207 1.33 -11.59 1.33
N ALA C 208 2.27 -11.59 0.38
CA ALA C 208 2.85 -10.39 -0.17
C ALA C 208 1.82 -9.36 -0.64
N ASN C 209 0.72 -9.80 -1.23
CA ASN C 209 -0.25 -8.82 -1.70
C ASN C 209 -1.35 -8.51 -0.69
N GLY C 210 -1.31 -9.09 0.48
CA GLY C 210 -2.20 -8.65 1.54
C GLY C 210 -3.31 -9.64 1.87
N ALA C 211 -3.40 -10.73 1.10
CA ALA C 211 -4.40 -11.74 1.39
C ALA C 211 -4.08 -12.48 2.71
N VAL C 212 -5.13 -12.85 3.43
CA VAL C 212 -5.02 -13.48 4.70
C VAL C 212 -5.54 -14.91 4.54
N ILE C 213 -4.76 -15.90 4.93
CA ILE C 213 -5.21 -17.29 4.98
C ILE C 213 -5.54 -17.58 6.44
N ASN C 214 -6.76 -18.02 6.68
CA ASN C 214 -7.21 -18.34 8.03
C ASN C 214 -8.26 -19.42 7.93
N LYS C 215 -8.79 -19.83 9.05
CA LYS C 215 -9.76 -20.88 9.12
C LYS C 215 -10.82 -20.77 8.09
N ILE C 216 -11.08 -21.91 7.45
CA ILE C 216 -12.24 -22.09 6.53
C ILE C 216 -13.50 -21.35 7.03
N GLY C 217 -14.00 -20.44 6.21
CA GLY C 217 -15.14 -19.60 6.56
C GLY C 217 -14.81 -18.14 6.78
N THR C 218 -13.53 -17.85 6.96
CA THR C 218 -13.07 -16.52 7.32
C THR C 218 -13.43 -15.57 6.23
N SER C 219 -13.26 -16.02 4.99
CA SER C 219 -13.53 -15.17 3.81
C SER C 219 -15.00 -14.83 3.63
N LEU C 220 -15.88 -15.75 3.98
CA LEU C 220 -17.32 -15.49 3.97
C LEU C 220 -17.72 -14.46 4.97
N ILE C 221 -17.12 -14.57 6.15
CA ILE C 221 -17.38 -13.59 7.19
C ILE C 221 -16.86 -12.21 6.75
N ALA C 222 -15.63 -12.13 6.23
CA ALA C 222 -15.08 -10.85 5.74
C ALA C 222 -15.88 -10.19 4.59
N LEU C 223 -16.52 -11.05 3.78
CA LEU C 223 -17.31 -10.63 2.61
C LEU C 223 -18.60 -9.94 2.98
N THR C 224 -19.40 -10.60 3.83
CA THR C 224 -20.65 -10.01 4.29
C THR C 224 -20.36 -8.84 5.23
N ALA C 225 -19.29 -8.92 6.02
CA ALA C 225 -18.78 -7.74 6.78
C ALA C 225 -18.45 -6.52 5.91
N LYS C 226 -17.71 -6.70 4.85
CA LYS C 226 -17.56 -5.61 3.90
C LYS C 226 -18.89 -5.09 3.35
N GLU C 227 -19.73 -6.04 2.92
CA GLU C 227 -21.07 -5.75 2.42
C GLU C 227 -21.82 -4.80 3.33
N HIS C 228 -21.75 -5.03 4.62
CA HIS C 228 -22.43 -4.23 5.64
C HIS C 228 -21.63 -3.07 6.24
N ARG C 229 -20.41 -2.83 5.72
CA ARG C 229 -19.46 -1.83 6.24
C ARG C 229 -19.03 -2.00 7.68
N VAL C 230 -18.97 -3.22 8.17
CA VAL C 230 -18.38 -3.54 9.48
C VAL C 230 -16.88 -3.67 9.27
N TRP C 231 -16.07 -3.13 10.19
CA TRP C 231 -14.62 -3.22 10.02
C TRP C 231 -14.18 -4.66 10.26
N VAL C 232 -13.25 -5.13 9.44
CA VAL C 232 -12.64 -6.44 9.58
C VAL C 232 -11.18 -6.24 10.01
N MET C 233 -10.86 -6.72 11.21
CA MET C 233 -9.54 -6.53 11.79
C MET C 233 -8.87 -7.88 12.03
N ILE C 234 -7.67 -8.01 11.47
CA ILE C 234 -6.91 -9.22 11.61
C ILE C 234 -5.78 -9.02 12.62
N ALA C 235 -5.87 -9.80 13.69
CA ALA C 235 -4.84 -9.87 14.73
C ALA C 235 -3.79 -10.93 14.34
N ALA C 236 -2.60 -10.44 13.99
CA ALA C 236 -1.56 -11.33 13.42
C ALA C 236 -0.16 -10.88 13.80
N GLU C 237 0.57 -11.76 14.49
CA GLU C 237 1.99 -11.61 14.77
C GLU C 237 2.71 -11.52 13.42
N THR C 238 3.80 -10.76 13.34
CA THR C 238 4.63 -10.70 12.13
C THR C 238 5.16 -12.04 11.55
N TYR C 239 5.29 -13.08 12.37
CA TYR C 239 5.72 -14.43 11.89
C TYR C 239 4.57 -15.22 11.21
N LYS C 240 3.38 -14.62 11.12
CA LYS C 240 2.30 -15.15 10.28
C LYS C 240 2.46 -14.72 8.83
N PHE C 241 3.35 -13.77 8.56
CA PHE C 241 3.52 -13.27 7.21
C PHE C 241 4.43 -14.27 6.47
N HIS C 242 4.10 -14.55 5.22
CA HIS C 242 4.61 -15.69 4.44
C HIS C 242 5.67 -15.24 3.41
N PRO C 243 6.95 -15.49 3.71
CA PRO C 243 7.99 -14.93 2.82
C PRO C 243 8.13 -15.61 1.43
N ALA C 244 7.86 -16.91 1.30
CA ALA C 244 7.88 -17.51 -0.05
C ALA C 244 6.94 -16.77 -1.05
N THR C 245 5.88 -16.13 -0.54
CA THR C 245 4.90 -15.47 -1.39
C THR C 245 5.45 -14.21 -2.07
N MET C 246 6.57 -13.68 -1.58
CA MET C 246 7.20 -12.51 -2.27
C MET C 246 7.73 -12.94 -3.64
N LEU C 247 8.15 -14.21 -3.77
CA LEU C 247 8.69 -14.75 -5.00
C LEU C 247 7.67 -15.57 -5.77
N GLY C 248 6.40 -15.42 -5.40
CA GLY C 248 5.29 -15.86 -6.22
C GLY C 248 4.60 -17.14 -5.76
N GLN C 249 5.00 -17.68 -4.62
CA GLN C 249 4.50 -18.96 -4.13
C GLN C 249 3.04 -18.85 -3.78
N LEU C 250 2.30 -19.89 -4.11
CA LEU C 250 0.95 -20.10 -3.59
C LEU C 250 1.00 -20.83 -2.27
N VAL C 251 0.15 -20.42 -1.34
CA VAL C 251 0.03 -21.11 -0.09
C VAL C 251 -0.81 -22.36 -0.26
N GLU C 252 -0.25 -23.50 0.15
CA GLU C 252 -0.98 -24.75 0.22
C GLU C 252 -2.17 -24.70 1.22
N ILE C 253 -3.31 -25.21 0.78
CA ILE C 253 -4.52 -25.30 1.63
C ILE C 253 -4.67 -26.73 2.15
N GLU C 254 -4.30 -26.95 3.40
CA GLU C 254 -4.41 -28.27 3.99
C GLU C 254 -5.82 -28.84 3.80
N MET C 255 -5.89 -30.07 3.26
CA MET C 255 -7.11 -30.84 3.15
C MET C 255 -7.03 -31.91 4.20
N ARG C 256 -7.86 -31.80 5.23
CA ARG C 256 -7.79 -32.78 6.33
C ARG C 256 -8.78 -33.86 6.14
N ASP C 257 -8.72 -34.83 7.04
CA ASP C 257 -9.51 -36.05 6.99
C ASP C 257 -11.03 -35.80 6.84
N PRO C 258 -11.68 -36.55 5.92
CA PRO C 258 -13.16 -36.52 5.82
C PRO C 258 -13.93 -36.90 7.11
N THR C 259 -13.32 -37.69 7.96
CA THR C 259 -13.96 -38.10 9.24
C THR C 259 -14.15 -36.97 10.26
N GLU C 260 -13.36 -35.91 10.13
CA GLU C 260 -13.62 -34.68 10.88
C GLU C 260 -14.99 -34.08 10.57
N VAL C 261 -15.44 -34.23 9.31
CA VAL C 261 -16.75 -33.77 8.88
C VAL C 261 -17.83 -34.79 9.27
N ILE C 262 -17.83 -35.95 8.63
CA ILE C 262 -18.74 -37.04 8.97
C ILE C 262 -17.91 -38.11 9.69
N PRO C 263 -18.24 -38.45 10.97
CA PRO C 263 -17.55 -39.54 11.71
C PRO C 263 -17.45 -40.88 10.95
N GLU C 264 -16.39 -41.64 11.24
CA GLU C 264 -16.10 -42.97 10.64
C GLU C 264 -17.28 -43.94 10.61
N GLU C 265 -17.94 -44.06 11.76
CA GLU C 265 -19.06 -44.95 11.86
C GLU C 265 -20.06 -44.68 10.74
N GLU C 266 -20.51 -43.44 10.64
CA GLU C 266 -21.52 -43.02 9.66
C GLU C 266 -20.99 -43.01 8.21
N LEU C 267 -19.82 -42.42 7.99
CA LEU C 267 -19.27 -42.27 6.62
C LEU C 267 -19.09 -43.58 5.86
N ARG C 268 -18.76 -44.66 6.55
CA ARG C 268 -18.58 -45.95 5.89
C ARG C 268 -19.87 -46.52 5.30
N THR C 269 -21.02 -46.16 5.91
CA THR C 269 -22.32 -46.54 5.35
C THR C 269 -22.68 -45.74 4.10
N TRP C 270 -22.11 -44.54 3.93
CA TRP C 270 -22.48 -43.71 2.78
C TRP C 270 -21.96 -44.30 1.49
N PRO C 271 -22.65 -44.01 0.36
CA PRO C 271 -22.26 -44.48 -0.96
C PRO C 271 -20.88 -44.04 -1.37
N LYS C 272 -20.34 -44.69 -2.38
CA LYS C 272 -19.00 -44.37 -2.83
C LYS C 272 -19.06 -43.04 -3.55
N ASN C 273 -20.18 -42.76 -4.20
CA ASN C 273 -20.31 -41.56 -5.05
C ASN C 273 -20.63 -40.26 -4.30
N ILE C 274 -20.41 -40.22 -3.00
CA ILE C 274 -20.39 -38.97 -2.24
C ILE C 274 -18.94 -38.75 -1.82
N GLU C 275 -18.28 -37.71 -2.36
CA GLU C 275 -16.94 -37.32 -1.92
C GLU C 275 -17.12 -36.27 -0.84
N VAL C 276 -16.51 -36.47 0.33
CA VAL C 276 -16.45 -35.44 1.41
C VAL C 276 -15.13 -34.69 1.37
N TRP C 277 -15.19 -33.38 1.20
CA TRP C 277 -14.01 -32.52 1.03
C TRP C 277 -13.89 -31.61 2.23
N ASN C 278 -12.74 -31.69 2.91
CA ASN C 278 -12.50 -30.92 4.13
C ASN C 278 -11.33 -29.96 4.00
N PRO C 279 -11.51 -28.83 3.31
CA PRO C 279 -10.51 -27.79 3.38
C PRO C 279 -10.58 -27.11 4.74
N ALA C 280 -9.38 -26.91 5.30
CA ALA C 280 -9.19 -26.40 6.65
C ALA C 280 -8.92 -24.92 6.69
N PHE C 281 -8.67 -24.33 5.51
CA PHE C 281 -8.40 -22.89 5.41
C PHE C 281 -9.02 -22.34 4.12
N ASP C 282 -9.24 -21.03 4.07
CA ASP C 282 -9.59 -20.35 2.85
C ASP C 282 -8.77 -19.05 2.75
N VAL C 283 -8.99 -18.29 1.68
CA VAL C 283 -8.17 -17.15 1.34
C VAL C 283 -9.11 -15.97 1.25
N THR C 284 -8.86 -14.98 2.10
CA THR C 284 -9.60 -13.75 2.12
C THR C 284 -8.80 -12.69 1.39
N PRO C 285 -9.40 -12.05 0.37
CA PRO C 285 -8.63 -11.02 -0.34
C PRO C 285 -8.53 -9.78 0.49
N PRO C 286 -7.55 -8.93 0.16
CA PRO C 286 -7.26 -7.75 0.97
C PRO C 286 -8.25 -6.63 0.86
N GLU C 287 -9.03 -6.59 -0.20
CA GLU C 287 -10.09 -5.61 -0.26
C GLU C 287 -11.15 -5.79 0.84
N TYR C 288 -11.28 -6.97 1.45
CA TYR C 288 -12.23 -7.20 2.55
C TYR C 288 -11.65 -7.08 3.96
N ILE C 289 -10.36 -6.77 4.05
CA ILE C 289 -9.65 -6.52 5.31
C ILE C 289 -9.34 -5.05 5.41
N ASP C 290 -9.73 -4.45 6.53
CA ASP C 290 -9.51 -3.04 6.75
C ASP C 290 -8.15 -2.83 7.41
N VAL C 291 -7.81 -3.63 8.42
CA VAL C 291 -6.48 -3.59 9.08
C VAL C 291 -5.93 -4.94 9.51
N ILE C 292 -4.59 -5.01 9.55
CA ILE C 292 -3.90 -6.11 10.24
C ILE C 292 -3.27 -5.44 11.45
N ILE C 293 -3.49 -6.02 12.61
CA ILE C 293 -2.87 -5.53 13.83
C ILE C 293 -1.73 -6.48 14.07
N THR C 294 -0.51 -5.94 13.97
CA THR C 294 0.69 -6.66 14.38
C THR C 294 1.21 -6.10 15.67
N GLU C 295 2.22 -6.76 16.21
CA GLU C 295 2.91 -6.28 17.41
C GLU C 295 3.74 -5.03 17.17
N ARG C 296 3.88 -4.59 15.92
CA ARG C 296 4.55 -3.32 15.62
C ARG C 296 3.59 -2.29 15.10
N GLY C 297 2.29 -2.51 15.28
CA GLY C 297 1.27 -1.55 14.86
C GLY C 297 0.30 -2.01 13.78
N ILE C 298 -0.63 -1.10 13.51
CA ILE C 298 -1.69 -1.23 12.55
C ILE C 298 -1.14 -1.01 11.17
N ILE C 299 -1.52 -1.86 10.24
CA ILE C 299 -1.23 -1.62 8.82
C ILE C 299 -2.51 -1.83 8.01
N PRO C 300 -2.61 -1.20 6.84
CA PRO C 300 -3.60 -1.64 5.86
C PRO C 300 -3.10 -2.96 5.28
N PRO C 301 -3.97 -3.83 4.75
CA PRO C 301 -3.47 -5.14 4.25
C PRO C 301 -2.41 -5.09 3.12
N TYR C 302 -2.43 -4.06 2.31
CA TYR C 302 -1.41 -3.83 1.32
C TYR C 302 0.03 -3.67 1.84
N ALA C 303 0.21 -3.28 3.10
CA ALA C 303 1.55 -3.12 3.67
C ALA C 303 2.19 -4.43 4.18
N ALA C 304 1.54 -5.58 4.01
CA ALA C 304 2.19 -6.81 4.38
C ALA C 304 3.53 -6.95 3.67
N ILE C 305 3.57 -6.52 2.42
CA ILE C 305 4.82 -6.55 1.63
C ILE C 305 5.98 -5.77 2.30
N ASP C 306 5.66 -4.62 2.93
CA ASP C 306 6.61 -3.86 3.75
C ASP C 306 7.11 -4.70 4.96
N ILE C 307 6.21 -5.38 5.67
CA ILE C 307 6.59 -6.28 6.79
C ILE C 307 7.55 -7.35 6.30
N LEU C 308 7.25 -7.91 5.13
CA LEU C 308 8.04 -9.00 4.55
C LEU C 308 9.38 -8.50 4.05
N LYS C 309 9.41 -7.41 3.32
CA LYS C 309 10.67 -6.85 2.82
C LYS C 309 11.65 -6.66 3.96
N GLU C 310 11.19 -6.05 5.06
CA GLU C 310 12.08 -5.65 6.16
C GLU C 310 12.45 -6.77 7.12
N GLU C 311 11.60 -7.77 7.26
CA GLU C 311 11.81 -8.84 8.25
C GLU C 311 12.37 -10.14 7.69
N PHE C 312 12.03 -10.50 6.44
CA PHE C 312 12.27 -11.87 5.86
C PHE C 312 12.92 -11.94 4.46
N GLY C 313 13.07 -10.80 3.77
CA GLY C 313 13.48 -10.76 2.36
C GLY C 313 14.93 -11.15 2.14
N TRP C 314 15.78 -10.73 3.07
CA TRP C 314 17.17 -11.22 3.24
C TRP C 314 17.35 -12.78 3.04
N ALA C 315 16.44 -13.58 3.62
CA ALA C 315 16.54 -15.04 3.65
C ALA C 315 16.22 -15.77 2.33
N LEU C 316 15.55 -15.10 1.39
CA LEU C 316 15.04 -15.77 0.17
C LEU C 316 16.04 -16.24 -0.87
N LYS C 317 17.16 -15.52 -1.02
CA LYS C 317 18.24 -15.93 -1.96
C LYS C 317 19.05 -17.15 -1.47
N TYR C 318 18.97 -17.48 -0.17
CA TYR C 318 19.50 -18.74 0.39
C TYR C 318 18.44 -19.86 0.39
N LYS C 319 18.94 -21.10 0.42
CA LYS C 319 18.12 -22.30 0.61
C LYS C 319 17.48 -22.28 2.01
N GLU C 320 16.72 -23.32 2.33
CA GLU C 320 16.10 -23.42 3.64
C GLU C 320 17.19 -23.75 4.69
N PRO C 321 17.05 -23.28 5.94
CA PRO C 321 18.04 -23.54 6.99
C PRO C 321 18.29 -24.96 7.44
N TRP C 322 17.56 -25.93 6.93
CA TRP C 322 17.68 -27.29 7.42
C TRP C 322 17.95 -28.23 6.23
N GLU C 323 18.62 -27.72 5.21
CA GLU C 323 18.80 -28.48 3.97
C GLU C 323 20.27 -28.65 3.66
N ASP C 324 20.55 -29.74 2.93
CA ASP C 324 21.89 -30.27 2.75
C ASP C 324 22.49 -29.73 1.48
C1 RUB D . -11.76 22.61 8.03
C2 RUB D . -11.48 21.38 7.20
C3 RUB D . -10.50 21.49 6.07
C4 RUB D . -9.16 20.94 6.62
C5 RUB D . -8.01 21.25 5.68
O1 RUB D . -12.16 22.41 9.41
O2 RUB D . -12.00 20.32 7.46
O3 RUB D . -10.88 20.70 4.89
O4 RUB D . -8.84 21.42 7.94
O5 RUB D . -7.84 22.64 5.55
P1 RUB D . -12.57 23.72 10.30
P2 RUB D . -6.38 23.21 5.20
O1P RUB D . -13.64 23.15 11.21
O2P RUB D . -13.04 24.74 9.31
O3P RUB D . -11.27 24.10 11.06
O4P RUB D . -6.64 24.68 4.98
O5P RUB D . -5.51 22.77 6.38
O6P RUB D . -6.00 22.53 3.94
C1 MPD E . -23.76 1.70 -3.20
C2 MPD E . -22.57 1.10 -3.90
O2 MPD E . -22.71 1.52 -5.25
CM MPD E . -22.54 -0.43 -3.68
C3 MPD E . -21.36 1.79 -3.32
C4 MPD E . -20.10 1.57 -4.13
O4 MPD E . -19.78 2.85 -4.67
C5 MPD E . -19.05 0.98 -3.16
K K F . -18.25 12.86 -14.22
C1 RUB G . 2.53 -3.06 -26.33
C2 RUB G . 1.80 -3.24 -25.03
C3 RUB G . 2.31 -4.36 -24.15
C4 RUB G . 3.37 -3.70 -23.26
C5 RUB G . 4.31 -4.74 -22.68
O1 RUB G . 2.43 -1.76 -26.96
O2 RUB G . 0.89 -2.51 -24.68
O3 RUB G . 1.30 -5.01 -23.31
O4 RUB G . 4.06 -2.62 -23.90
O5 RUB G . 5.35 -5.16 -23.55
P1 RUB G . 2.87 -1.57 -28.51
P2 RUB G . 6.54 -6.08 -22.93
O1P RUB G . 2.06 -0.36 -28.87
O2P RUB G . 2.56 -2.84 -29.28
O3P RUB G . 4.36 -1.28 -28.40
O4P RUB G . 7.50 -5.02 -22.48
O5P RUB G . 6.03 -6.92 -21.75
O6P RUB G . 6.98 -6.87 -24.13
K K H . -13.96 -17.58 -13.91
C1 PEG I . -6.77 -23.98 -10.12
O1 PEG I . -6.61 -22.59 -10.57
C2 PEG I . -8.23 -24.48 -10.12
O2 PEG I . -8.48 -25.50 -11.11
C3 PEG I . -8.36 -25.09 -12.49
C4 PEG I . -9.25 -25.88 -13.47
O4 PEG I . -9.26 -25.18 -14.73
P 5GP J . -3.99 11.39 -44.11
O1P 5GP J . -4.22 12.57 -43.23
O2P 5GP J . -3.23 11.56 -45.36
O3P 5GP J . -3.36 10.33 -43.26
O5' 5GP J . -5.43 10.78 -44.44
C5' 5GP J . -5.69 9.95 -45.59
C4' 5GP J . -7.11 10.19 -46.08
O4' 5GP J . -8.03 9.91 -44.99
C3' 5GP J . -7.41 11.61 -46.54
O3' 5GP J . -8.19 11.64 -47.74
C2' 5GP J . -8.11 12.26 -45.34
O2' 5GP J . -9.06 13.24 -45.65
C1' 5GP J . -8.80 11.06 -44.68
N9 5GP J . -8.91 11.15 -43.22
C8 5GP J . -7.90 11.27 -42.31
N7 5GP J . -8.32 11.32 -41.07
C5 5GP J . -9.70 11.22 -41.18
C6 5GP J . -10.70 11.23 -40.17
O6 5GP J . -10.56 11.30 -38.94
N1 5GP J . -11.97 11.11 -40.72
C2 5GP J . -12.26 11.00 -42.06
N2 5GP J . -13.55 10.89 -42.40
N3 5GP J . -11.33 11.00 -43.01
C4 5GP J . -10.08 11.11 -42.50
P 5GP K . -10.16 6.00 -13.81
O1P 5GP K . -10.43 7.44 -14.13
O2P 5GP K . -9.70 5.08 -14.88
O3P 5GP K . -11.36 5.45 -13.08
O5' 5GP K . -8.99 6.00 -12.72
C5' 5GP K . -7.62 5.96 -13.12
C4' 5GP K . -6.73 6.15 -11.91
O4' 5GP K . -5.35 6.26 -12.35
C3' 5GP K . -7.02 7.39 -11.05
O3' 5GP K . -7.04 7.10 -9.66
C2' 5GP K . -5.89 8.37 -11.40
O2' 5GP K . -5.68 9.29 -10.32
C1' 5GP K . -4.74 7.41 -11.77
N9 5GP K . -3.70 7.89 -12.68
C8 5GP K . -2.35 7.91 -12.41
N7 5GP K . -1.64 8.37 -13.40
C5 5GP K . -2.56 8.65 -14.39
C6 5GP K . -2.38 9.19 -15.69
O6 5GP K . -1.32 9.52 -16.24
N1 5GP K . -3.59 9.34 -16.36
C2 5GP K . -4.82 9.01 -15.84
N2 5GP K . -5.88 9.23 -16.65
N3 5GP K . -5.01 8.52 -14.63
C4 5GP K . -3.85 8.36 -13.97
P 5GP L . -9.92 -14.32 -4.41
O1P 5GP L . -10.43 -14.95 -3.16
O2P 5GP L . -9.51 -15.19 -5.55
O3P 5GP L . -10.96 -13.39 -4.94
O5' 5GP L . -8.66 -13.40 -4.05
C5' 5GP L . -7.33 -13.96 -3.84
C4' 5GP L . -6.26 -12.89 -3.92
O4' 5GP L . -5.12 -13.30 -3.10
C3' 5GP L . -5.69 -12.59 -5.31
O3' 5GP L . -5.36 -11.21 -5.45
C2' 5GP L . -4.43 -13.45 -5.38
O2' 5GP L . -3.58 -12.95 -6.42
C1' 5GP L . -3.96 -13.44 -3.91
N9 5GP L . -3.19 -14.58 -3.41
C8 5GP L . -1.91 -14.51 -2.90
N7 5GP L . -1.46 -15.67 -2.48
C5 5GP L . -2.51 -16.54 -2.69
C6 5GP L . -2.62 -17.94 -2.44
O6 5GP L . -1.77 -18.69 -1.95
N1 5GP L . -3.86 -18.44 -2.83
C2 5GP L . -4.88 -17.70 -3.37
N2 5GP L . -6.00 -18.36 -3.67
N3 5GP L . -4.79 -16.40 -3.60
C4 5GP L . -3.59 -15.89 -3.25
C1 RUB M . -6.54 -22.08 13.56
C2 RUB M . -6.88 -20.78 12.87
C3 RUB M . -6.71 -19.53 13.68
C4 RUB M . -5.28 -19.08 13.36
C5 RUB M . -4.73 -18.01 14.28
O1 RUB M . -6.68 -23.24 12.74
O2 RUB M . -7.22 -20.71 11.69
O3 RUB M . -7.70 -18.53 13.31
O4 RUB M . -4.39 -20.20 13.34
O5 RUB M . -4.63 -18.47 15.61
P1 RUB M . -6.31 -24.62 13.47
P2 RUB M . -3.72 -17.67 16.66
O1P RUB M . -7.13 -24.64 14.75
O2P RUB M . -6.78 -25.63 12.49
O3P RUB M . -4.79 -24.65 13.58
O4P RUB M . -4.12 -16.21 16.55
O5P RUB M . -2.34 -18.00 16.08
O6P RUB M . -4.10 -18.42 17.92
K K N . -23.47 -3.44 11.43
P 5GP O . -10.54 -44.14 5.83
O1P 5GP O . -10.52 -42.66 5.92
O2P 5GP O . -9.38 -44.63 6.63
O3P 5GP O . -10.62 -44.50 4.40
O5' 5GP O . -11.89 -44.57 6.56
C5' 5GP O . -13.14 -43.88 6.31
C4' 5GP O . -14.19 -44.82 5.76
O4' 5GP O . -15.13 -44.05 4.98
C3' 5GP O . -13.75 -45.95 4.83
O3' 5GP O . -14.66 -47.05 4.83
C2' 5GP O . -13.74 -45.28 3.46
O2' 5GP O . -14.02 -46.17 2.38
C1' 5GP O . -14.86 -44.25 3.59
N9 5GP O . -14.57 -42.95 2.99
C8 5GP O . -13.43 -42.19 3.10
N7 5GP O . -13.49 -41.06 2.45
C5 5GP O . -14.76 -41.06 1.89
C6 5GP O . -15.42 -40.09 1.09
O6 5GP O . -14.99 -38.99 0.72
N1 5GP O . -16.70 -40.50 0.75
C2 5GP O . -17.29 -41.68 1.13
N2 5GP O . -18.55 -41.88 0.71
N3 5GP O . -16.70 -42.58 1.88
C4 5GP O . -15.44 -42.22 2.23
P 5GP P . -16.74 2.79 7.27
O1P 5GP P . -17.56 3.96 7.67
O2P 5GP P . -16.67 1.59 8.15
O3P 5GP P . -17.20 2.31 5.93
O5' 5GP P . -15.26 3.34 7.02
C5' 5GP P . -14.30 3.50 8.09
C4' 5GP P . -12.93 3.04 7.65
O4' 5GP P . -11.92 3.95 8.17
C3' 5GP P . -12.51 1.64 8.13
O3' 5GP P . -11.68 0.99 7.17
C2' 5GP P . -11.74 1.94 9.41
O2' 5GP P . -10.93 0.85 9.87
C1' 5GP P . -11.03 3.25 9.04
N9 5GP P . -10.63 4.14 10.14
C8 5GP P . -9.34 4.51 10.42
N7 5GP P . -9.23 5.29 11.46
C5 5GP P . -10.54 5.46 11.90
C6 5GP P . -11.07 6.21 12.99
O6 5GP P . -10.45 6.90 13.81
N1 5GP P . -12.45 6.09 13.08
C2 5GP P . -13.23 5.36 12.22
N2 5GP P . -14.56 5.38 12.46
N3 5GP P . -12.76 4.66 11.19
C4 5GP P . -11.42 4.75 11.09
#